data_7V3W
#
_entry.id   7V3W
#
_cell.length_a   118.788
_cell.length_b   118.788
_cell.length_c   79.146
_cell.angle_alpha   90.00
_cell.angle_beta   90.00
_cell.angle_gamma   120.00
#
_symmetry.space_group_name_H-M   'P 31'
#
loop_
_entity.id
_entity.type
_entity.pdbx_description
1 polymer VpsR
2 non-polymer "ADENOSINE-5'-TRIPHOSPHATE"
#
_entity_poly.entity_id   1
_entity_poly.type   'polypeptide(L)'
_entity_poly.pdbx_seq_one_letter_code
;HHHHHHSSGLVPRGSHMMSTQFRMDSVPGSLVVVGGTYEPWLPVLEKVGWRCTQVADLRKPDALFVETGPCIGIVDLSHD
EFSLNGIANLVSSHKQVRWLAFIREAQLSSDTICQFIVNFCIDFFTAPIPDAQLLSTIGHQLGMLKLEKKVWPHFGSAGN
MGLIGESMPMKRLRDQIKRIGPTDVSILIYGESGTGKETVAKAIHKTSSRAQKPFISVNCRAMSEKRLESELFGLGETEE
GQQPFLLQADGGTLLLNDILTLPKSQQLNLLRFLQEGTVETRQGVRAVDVRILAANSSDIEKALIDGDFNEELYHYINVL
RINVPSLKERASDIVLLAKHFLQEYSKEYNAQARSFSDDAVRGLTRYHWPGNVRELMNQIKRVVLMSDTVVLDESQLDL
;
_entity_poly.pdbx_strand_id   A,D
#
# COMPACT_ATOMS: atom_id res chain seq x y z
N SER A 26 16.88 19.31 -13.32
CA SER A 26 17.25 19.53 -11.93
C SER A 26 16.06 19.95 -11.07
N VAL A 27 15.42 21.06 -11.44
CA VAL A 27 14.41 21.65 -10.58
C VAL A 27 13.06 20.95 -10.70
N PRO A 28 12.57 20.40 -9.57
CA PRO A 28 11.27 19.75 -9.38
C PRO A 28 10.15 20.77 -9.52
N GLY A 29 9.33 20.92 -8.47
CA GLY A 29 8.27 21.91 -8.43
C GLY A 29 7.18 21.83 -9.49
N SER A 30 6.28 20.86 -9.39
CA SER A 30 5.20 20.78 -10.35
C SER A 30 3.88 21.21 -9.73
N LEU A 31 2.91 21.53 -10.58
CA LEU A 31 1.56 21.88 -10.14
C LEU A 31 0.55 21.48 -11.21
N VAL A 32 -0.52 20.83 -10.79
CA VAL A 32 -1.51 20.30 -11.73
C VAL A 32 -2.77 21.14 -11.85
N VAL A 33 -3.06 21.60 -13.07
CA VAL A 33 -4.25 22.39 -13.37
C VAL A 33 -4.40 22.54 -14.89
N VAL A 34 -5.65 22.51 -15.36
CA VAL A 34 -5.97 22.66 -16.79
C VAL A 34 -6.08 24.13 -17.22
N GLY A 35 -6.52 24.99 -16.30
CA GLY A 35 -6.73 26.38 -16.65
C GLY A 35 -5.44 27.15 -16.86
N GLY A 36 -4.97 27.86 -15.84
CA GLY A 36 -3.72 28.59 -15.99
C GLY A 36 -3.67 29.96 -15.35
N THR A 37 -4.73 30.76 -15.53
CA THR A 37 -4.75 32.15 -15.04
C THR A 37 -4.52 32.25 -13.53
N TYR A 38 -4.56 31.10 -12.85
CA TYR A 38 -4.30 31.03 -11.42
C TYR A 38 -2.80 31.16 -11.14
N GLU A 39 -2.12 31.94 -11.98
CA GLU A 39 -0.72 32.27 -11.81
C GLU A 39 -0.42 32.78 -10.39
N PRO A 40 -0.99 33.94 -9.97
CA PRO A 40 -0.61 34.69 -8.76
C PRO A 40 0.43 34.04 -7.82
N TRP A 41 0.27 32.76 -7.51
CA TRP A 41 1.21 32.07 -6.64
C TRP A 41 2.37 31.48 -7.44
N LEU A 42 2.20 31.43 -8.76
CA LEU A 42 3.25 30.95 -9.67
C LEU A 42 4.39 31.95 -9.87
N PRO A 43 4.08 33.22 -10.22
CA PRO A 43 5.20 34.12 -10.48
C PRO A 43 6.02 34.43 -9.23
N VAL A 44 5.42 34.23 -8.05
CA VAL A 44 6.17 34.39 -6.81
C VAL A 44 7.29 33.36 -6.77
N LEU A 45 7.14 32.31 -7.58
CA LEU A 45 8.13 31.26 -7.68
C LEU A 45 8.97 31.48 -8.93
N GLU A 46 8.32 31.91 -10.00
CA GLU A 46 9.01 32.23 -11.25
C GLU A 46 9.95 33.42 -11.12
N LYS A 47 9.45 34.50 -10.50
CA LYS A 47 10.24 35.72 -10.36
C LYS A 47 11.39 35.53 -9.38
N VAL A 48 11.23 34.60 -8.43
CA VAL A 48 12.30 34.31 -7.49
C VAL A 48 13.24 33.26 -8.09
N GLY A 49 12.84 32.73 -9.24
CA GLY A 49 13.71 31.87 -10.02
C GLY A 49 13.48 30.38 -9.83
N TRP A 50 12.26 29.92 -10.12
CA TRP A 50 11.95 28.50 -10.00
C TRP A 50 11.21 27.98 -11.23
N ARG A 51 11.77 26.96 -11.87
CA ARG A 51 11.15 26.35 -13.04
C ARG A 51 9.91 25.54 -12.69
N CYS A 52 8.75 26.18 -12.71
CA CYS A 52 7.49 25.51 -12.40
C CYS A 52 7.00 24.76 -13.64
N THR A 53 6.45 23.57 -13.44
CA THR A 53 5.91 22.79 -14.54
C THR A 53 4.47 22.41 -14.25
N GLN A 54 3.63 22.46 -15.28
CA GLN A 54 2.19 22.38 -15.10
C GLN A 54 1.54 21.34 -16.00
N VAL A 55 0.70 20.49 -15.42
CA VAL A 55 0.03 19.44 -16.16
C VAL A 55 -1.49 19.65 -16.16
N ALA A 56 -2.16 19.17 -17.21
CA ALA A 56 -3.58 19.43 -17.39
C ALA A 56 -4.42 18.15 -17.50
N ASP A 57 -4.16 17.35 -18.54
CA ASP A 57 -5.04 16.25 -18.90
C ASP A 57 -5.11 15.11 -17.87
N LEU A 58 -4.67 15.38 -16.64
CA LEU A 58 -4.86 14.48 -15.50
C LEU A 58 -4.14 13.13 -15.63
N ARG A 59 -4.16 12.54 -16.82
CA ARG A 59 -3.51 11.26 -17.06
C ARG A 59 -2.00 11.41 -17.25
N LYS A 60 -1.60 12.54 -17.83
CA LYS A 60 -0.19 12.84 -18.08
C LYS A 60 0.70 12.85 -16.81
N PRO A 61 0.27 13.53 -15.73
CA PRO A 61 1.18 13.56 -14.58
C PRO A 61 1.48 12.18 -14.00
N ASP A 62 0.56 11.22 -14.13
CA ASP A 62 0.78 9.85 -13.67
C ASP A 62 2.08 9.29 -14.20
N ALA A 63 2.21 9.23 -15.52
CA ALA A 63 3.45 8.82 -16.15
C ALA A 63 4.60 9.73 -15.72
N LEU A 64 4.32 11.02 -15.64
CA LEU A 64 5.30 12.00 -15.19
C LEU A 64 5.72 11.76 -13.74
N PHE A 65 4.77 11.46 -12.87
CA PHE A 65 5.06 11.24 -11.45
C PHE A 65 5.80 9.93 -11.23
N VAL A 66 5.51 8.93 -12.06
CA VAL A 66 6.16 7.64 -11.91
C VAL A 66 7.57 7.64 -12.47
N GLU A 67 7.89 8.64 -13.28
CA GLU A 67 9.22 8.73 -13.88
C GLU A 67 10.12 9.78 -13.23
N THR A 68 9.52 10.79 -12.62
CA THR A 68 10.28 11.92 -12.07
C THR A 68 11.08 11.57 -10.82
N GLY A 69 10.54 10.67 -10.01
CA GLY A 69 11.21 10.31 -8.76
C GLY A 69 10.89 11.32 -7.67
N PRO A 70 11.88 11.62 -6.81
CA PRO A 70 11.69 12.60 -5.73
C PRO A 70 11.47 14.02 -6.24
N CYS A 71 10.38 14.65 -5.79
CA CYS A 71 10.03 16.00 -6.21
C CYS A 71 8.95 16.61 -5.32
N ILE A 72 8.37 17.72 -5.76
CA ILE A 72 7.26 18.34 -5.05
C ILE A 72 6.14 18.70 -6.04
N GLY A 73 4.93 18.26 -5.74
CA GLY A 73 3.79 18.51 -6.60
C GLY A 73 2.63 19.22 -5.91
N ILE A 74 2.16 20.30 -6.51
CA ILE A 74 1.00 21.01 -5.98
C ILE A 74 -0.25 20.60 -6.76
N VAL A 75 -1.32 20.26 -6.06
CA VAL A 75 -2.54 19.87 -6.76
C VAL A 75 -3.57 20.99 -6.67
N ASP A 76 -3.72 21.73 -7.75
CA ASP A 76 -4.73 22.77 -7.82
C ASP A 76 -6.09 22.18 -8.16
N LEU A 77 -7.00 22.19 -7.21
CA LEU A 77 -8.32 21.63 -7.44
C LEU A 77 -9.36 22.76 -7.50
N SER A 78 -9.05 23.84 -6.78
CA SER A 78 -9.86 25.07 -6.73
C SER A 78 -11.37 24.89 -6.90
N HIS A 79 -11.88 23.74 -6.47
CA HIS A 79 -13.30 23.38 -6.61
C HIS A 79 -13.80 23.44 -8.06
N ASP A 80 -12.89 23.33 -9.02
CA ASP A 80 -13.28 23.28 -10.43
C ASP A 80 -12.19 22.71 -11.34
N GLU A 81 -11.76 21.48 -11.10
CA GLU A 81 -10.61 20.95 -11.82
C GLU A 81 -10.67 19.45 -12.14
N PHE A 82 -10.60 18.62 -11.10
CA PHE A 82 -10.57 17.17 -11.30
C PHE A 82 -11.44 16.37 -10.35
N SER A 83 -11.74 15.15 -10.75
CA SER A 83 -12.53 14.21 -9.94
C SER A 83 -11.68 13.63 -8.83
N LEU A 84 -12.12 13.85 -7.59
CA LEU A 84 -11.36 13.51 -6.39
C LEU A 84 -10.96 12.04 -6.26
N ASN A 85 -11.66 11.16 -6.97
CA ASN A 85 -11.29 9.74 -6.96
C ASN A 85 -9.97 9.54 -7.69
N GLY A 86 -9.94 9.90 -8.97
CA GLY A 86 -8.74 9.84 -9.78
C GLY A 86 -7.58 10.59 -9.15
N ILE A 87 -7.88 11.70 -8.49
CA ILE A 87 -6.87 12.50 -7.80
C ILE A 87 -6.22 11.70 -6.68
N ALA A 88 -7.01 11.32 -5.69
CA ALA A 88 -6.53 10.54 -4.56
C ALA A 88 -5.88 9.23 -5.03
N ASN A 89 -6.39 8.69 -6.13
CA ASN A 89 -5.77 7.53 -6.77
C ASN A 89 -4.32 7.79 -7.13
N LEU A 90 -4.10 8.80 -7.98
CA LEU A 90 -2.75 9.21 -8.37
C LEU A 90 -1.90 9.56 -7.16
N VAL A 91 -2.46 10.36 -6.26
CA VAL A 91 -1.79 10.76 -5.03
C VAL A 91 -1.25 9.56 -4.24
N SER A 92 -1.96 8.45 -4.29
CA SER A 92 -1.59 7.26 -3.53
C SER A 92 -1.51 5.97 -4.35
N SER A 93 -1.37 6.11 -5.67
CA SER A 93 -1.18 4.96 -6.55
C SER A 93 0.06 4.19 -6.11
N HIS A 94 1.22 4.66 -6.57
CA HIS A 94 2.50 4.20 -6.06
C HIS A 94 3.42 5.40 -5.85
N LYS A 95 2.89 6.59 -6.16
CA LYS A 95 3.63 7.84 -5.93
C LYS A 95 3.57 8.25 -4.46
N GLN A 96 4.17 7.45 -3.60
CA GLN A 96 4.03 7.63 -2.15
C GLN A 96 5.10 8.58 -1.60
N VAL A 97 6.08 8.00 -0.92
CA VAL A 97 7.14 8.76 -0.26
C VAL A 97 7.99 9.57 -1.25
N ARG A 98 8.13 9.07 -2.46
CA ARG A 98 8.86 9.77 -3.52
C ARG A 98 8.31 11.17 -3.82
N TRP A 99 7.12 11.46 -3.31
CA TRP A 99 6.48 12.75 -3.56
C TRP A 99 5.73 13.29 -2.36
N LEU A 100 5.88 14.59 -2.11
CA LEU A 100 5.20 15.22 -0.99
C LEU A 100 3.95 15.92 -1.51
N ALA A 101 2.82 15.68 -0.87
CA ALA A 101 1.53 16.17 -1.36
C ALA A 101 1.33 17.63 -0.99
N PHE A 102 0.56 18.33 -1.81
CA PHE A 102 0.29 19.75 -1.61
C PHE A 102 -0.88 20.19 -2.48
N ILE A 103 -1.78 20.98 -1.92
CA ILE A 103 -3.00 21.36 -2.62
C ILE A 103 -3.23 22.87 -2.68
N ARG A 104 -4.06 23.29 -3.64
CA ARG A 104 -4.43 24.68 -3.78
C ARG A 104 -5.94 24.85 -3.96
N GLU A 105 -6.54 25.66 -3.09
CA GLU A 105 -7.98 25.89 -3.10
C GLU A 105 -8.23 27.39 -2.95
N ALA A 106 -9.44 27.83 -3.29
CA ALA A 106 -9.76 29.25 -3.22
C ALA A 106 -10.47 29.63 -1.93
N GLN A 107 -10.05 29.01 -0.82
CA GLN A 107 -10.68 29.24 0.49
C GLN A 107 -12.16 28.86 0.43
N LEU A 108 -12.91 29.58 -0.39
CA LEU A 108 -14.31 29.28 -0.67
C LEU A 108 -14.37 27.88 -1.32
N SER A 109 -14.16 26.86 -0.50
CA SER A 109 -14.04 25.49 -0.97
C SER A 109 -13.94 24.51 0.20
N SER A 110 -13.26 24.93 1.26
CA SER A 110 -13.06 24.10 2.45
C SER A 110 -14.37 23.57 3.01
N ASP A 111 -14.75 22.36 2.62
CA ASP A 111 -16.04 21.81 3.00
C ASP A 111 -16.17 20.30 2.81
N THR A 112 -16.61 19.92 1.61
CA THR A 112 -16.96 18.53 1.31
C THR A 112 -15.85 17.49 1.48
N ILE A 113 -14.66 17.74 0.92
CA ILE A 113 -13.60 16.74 0.95
C ILE A 113 -12.30 17.27 1.53
N CYS A 114 -12.35 17.62 2.81
CA CYS A 114 -11.15 17.97 3.57
C CYS A 114 -10.42 16.68 3.95
N GLN A 115 -11.12 15.56 3.76
CA GLN A 115 -10.59 14.23 4.06
C GLN A 115 -9.52 13.80 3.06
N PHE A 116 -9.48 14.43 1.88
CA PHE A 116 -8.44 14.13 0.91
C PHE A 116 -7.05 14.48 1.46
N ILE A 117 -7.03 15.26 2.54
CA ILE A 117 -5.80 15.60 3.23
C ILE A 117 -5.42 14.45 4.18
N VAL A 118 -5.94 13.26 3.89
CA VAL A 118 -5.51 12.05 4.58
C VAL A 118 -4.14 11.65 4.04
N ASN A 119 -3.81 12.17 2.87
CA ASN A 119 -2.52 11.93 2.23
C ASN A 119 -1.47 12.96 2.67
N PHE A 120 -1.31 13.13 3.98
CA PHE A 120 -0.38 14.11 4.55
C PHE A 120 -0.63 15.52 4.04
N CYS A 121 -0.27 15.77 2.78
CA CYS A 121 -0.46 17.05 2.11
C CYS A 121 0.35 18.21 2.71
N ILE A 122 0.91 17.97 3.89
CA ILE A 122 1.78 18.94 4.58
C ILE A 122 1.10 20.28 4.83
N ASP A 123 0.69 20.97 3.77
CA ASP A 123 -0.01 22.24 3.90
C ASP A 123 -0.99 22.47 2.74
N PHE A 124 -1.71 23.59 2.81
CA PHE A 124 -2.70 23.95 1.79
C PHE A 124 -2.53 25.41 1.40
N PHE A 125 -3.37 25.90 0.49
CA PHE A 125 -3.25 27.27 0.03
C PHE A 125 -4.52 28.08 0.27
N THR A 126 -4.43 29.04 1.17
CA THR A 126 -5.47 30.05 1.38
C THR A 126 -5.68 30.95 0.17
N ALA A 127 -6.87 31.52 0.05
CA ALA A 127 -7.15 32.50 -1.00
C ALA A 127 -6.35 33.80 -0.79
N PRO A 128 -6.26 34.29 0.46
CA PRO A 128 -5.31 35.40 0.65
C PRO A 128 -3.89 34.94 0.39
N ILE A 129 -3.07 35.80 -0.19
CA ILE A 129 -1.71 35.41 -0.53
C ILE A 129 -0.63 36.25 0.16
N PRO A 130 -0.28 35.87 1.39
CA PRO A 130 0.86 36.45 2.12
C PRO A 130 2.16 36.08 1.43
N ASP A 131 2.48 36.77 0.33
CA ASP A 131 3.56 36.41 -0.60
C ASP A 131 4.82 35.82 0.04
N ALA A 132 5.17 36.27 1.24
CA ALA A 132 6.36 35.76 1.91
C ALA A 132 6.08 34.46 2.66
N GLN A 133 4.86 34.31 3.15
CA GLN A 133 4.46 33.12 3.90
C GLN A 133 4.42 31.85 3.03
N LEU A 134 3.98 32.00 1.78
CA LEU A 134 3.94 30.86 0.87
C LEU A 134 5.35 30.34 0.65
N LEU A 135 6.29 31.27 0.47
CA LEU A 135 7.70 30.92 0.34
C LEU A 135 8.21 30.27 1.62
N SER A 136 7.75 30.78 2.75
CA SER A 136 8.11 30.24 4.05
C SER A 136 7.64 28.79 4.17
N THR A 137 6.41 28.53 3.73
CA THR A 137 5.87 27.18 3.74
C THR A 137 6.66 26.27 2.81
N ILE A 138 6.94 26.76 1.61
CA ILE A 138 7.62 25.96 0.60
C ILE A 138 9.11 25.82 0.87
N GLY A 139 9.79 26.95 1.11
CA GLY A 139 11.22 26.97 1.29
C GLY A 139 11.73 26.03 2.37
N HIS A 140 10.96 25.91 3.44
CA HIS A 140 11.32 24.99 4.52
C HIS A 140 11.12 23.55 4.06
N GLN A 141 10.09 23.35 3.24
CA GLN A 141 9.77 22.01 2.76
C GLN A 141 10.68 21.67 1.58
N LEU A 142 11.16 22.71 0.90
CA LEU A 142 12.04 22.54 -0.25
C LEU A 142 13.39 21.98 0.19
N GLY A 143 13.77 22.29 1.42
CA GLY A 143 15.00 21.82 2.01
C GLY A 143 15.04 20.31 2.20
N MET A 144 13.86 19.70 2.17
CA MET A 144 13.74 18.26 2.34
C MET A 144 14.05 17.59 1.02
N LEU A 145 13.69 18.26 -0.06
CA LEU A 145 13.96 17.79 -1.41
C LEU A 145 15.46 17.91 -1.65
N LYS A 146 16.06 18.92 -1.03
CA LYS A 146 17.50 19.15 -1.11
C LYS A 146 18.29 18.08 -0.35
N LEU A 147 17.59 17.32 0.48
CA LEU A 147 18.19 16.19 1.19
C LEU A 147 18.29 15.00 0.22
N GLU A 148 17.28 14.86 -0.64
CA GLU A 148 17.30 13.87 -1.71
C GLU A 148 18.53 14.06 -2.60
N LYS A 149 19.00 15.31 -2.68
CA LYS A 149 20.17 15.68 -3.47
C LYS A 149 21.43 14.92 -3.03
N LYS A 150 21.39 14.36 -1.82
CA LYS A 150 22.53 13.63 -1.27
C LYS A 150 23.00 12.50 -2.19
N VAL A 151 22.08 11.95 -2.97
CA VAL A 151 22.43 10.86 -3.86
C VAL A 151 22.66 11.44 -5.25
N TRP A 152 22.20 12.67 -5.44
CA TRP A 152 22.28 13.38 -6.73
C TRP A 152 21.75 12.51 -7.86
N PRO A 153 20.45 12.65 -8.17
CA PRO A 153 19.63 11.88 -9.12
C PRO A 153 20.41 11.02 -10.12
N HIS A 154 21.50 11.57 -10.67
CA HIS A 154 22.42 10.84 -11.56
C HIS A 154 21.81 10.26 -12.83
N PHE A 155 20.55 9.82 -12.77
CA PHE A 155 19.85 9.23 -13.91
C PHE A 155 20.56 8.03 -14.51
N GLY A 156 21.78 8.25 -14.99
CA GLY A 156 22.55 7.24 -15.71
C GLY A 156 23.01 6.00 -14.97
N SER A 157 22.20 5.52 -14.02
CA SER A 157 22.45 4.26 -13.33
C SER A 157 23.74 4.26 -12.52
N ALA A 158 23.71 4.89 -11.35
CA ALA A 158 24.91 5.07 -10.54
C ALA A 158 25.33 3.76 -9.86
N GLY A 159 24.53 2.71 -10.07
CA GLY A 159 24.81 1.41 -9.49
C GLY A 159 25.42 0.46 -10.51
N ASN A 160 25.54 -0.80 -10.13
CA ASN A 160 26.22 -1.78 -10.97
C ASN A 160 25.47 -2.12 -12.27
N MET A 161 25.37 -1.13 -13.16
CA MET A 161 24.68 -1.26 -14.45
C MET A 161 23.23 -1.78 -14.37
N GLY A 162 22.66 -1.77 -13.17
CA GLY A 162 21.32 -2.26 -12.94
C GLY A 162 21.31 -3.59 -12.20
N LEU A 163 22.43 -3.89 -11.57
CA LEU A 163 22.65 -5.12 -10.81
C LEU A 163 22.28 -6.45 -11.51
N ILE A 164 21.11 -6.50 -12.15
CA ILE A 164 20.65 -7.72 -12.81
C ILE A 164 19.77 -7.43 -14.03
N GLY A 165 19.35 -6.18 -14.17
CA GLY A 165 18.52 -5.77 -15.30
C GLY A 165 18.60 -4.27 -15.52
N GLU A 166 18.10 -3.79 -16.65
CA GLU A 166 18.14 -2.36 -16.94
C GLU A 166 17.18 -2.01 -18.06
N SER A 167 15.97 -1.60 -17.69
CA SER A 167 14.97 -1.16 -18.64
C SER A 167 14.23 0.08 -18.13
N MET A 168 12.90 -0.01 -18.12
CA MET A 168 12.07 1.11 -17.69
C MET A 168 11.59 0.95 -16.23
N PRO A 169 11.04 -0.21 -15.86
CA PRO A 169 10.69 -0.32 -14.43
C PRO A 169 11.94 -0.38 -13.54
N MET A 170 13.08 -0.63 -14.16
CA MET A 170 14.34 -0.73 -13.42
C MET A 170 14.81 0.64 -12.96
N LYS A 171 14.70 1.64 -13.83
CA LYS A 171 15.15 2.99 -13.50
C LYS A 171 14.38 3.57 -12.33
N ARG A 172 13.07 3.33 -12.30
CA ARG A 172 12.27 3.65 -11.13
C ARG A 172 12.77 2.87 -9.92
N LEU A 173 12.94 1.57 -10.10
CA LEU A 173 13.47 0.69 -9.07
C LEU A 173 14.80 1.24 -8.56
N ARG A 174 15.67 1.61 -9.50
CA ARG A 174 16.91 2.29 -9.18
C ARG A 174 16.66 3.53 -8.32
N ASP A 175 15.87 4.45 -8.87
CA ASP A 175 15.47 5.66 -8.17
C ASP A 175 14.87 5.31 -6.81
N GLN A 176 13.97 4.34 -6.80
CA GLN A 176 13.36 3.84 -5.57
C GLN A 176 14.42 3.36 -4.59
N ILE A 177 15.25 2.41 -5.03
CA ILE A 177 16.33 1.87 -4.22
C ILE A 177 17.26 2.96 -3.68
N LYS A 178 17.61 3.91 -4.54
CA LYS A 178 18.54 4.98 -4.17
C LYS A 178 18.06 5.83 -3.00
N ARG A 179 16.75 6.04 -2.90
CA ARG A 179 16.21 6.90 -1.85
C ARG A 179 15.72 6.16 -0.62
N ILE A 180 15.39 4.87 -0.76
CA ILE A 180 14.91 4.09 0.38
C ILE A 180 16.00 3.18 0.93
N GLY A 181 17.06 3.02 0.16
CA GLY A 181 18.21 2.21 0.55
C GLY A 181 18.88 2.56 1.86
N PRO A 182 19.50 3.76 1.95
CA PRO A 182 20.28 4.18 3.12
C PRO A 182 19.48 4.16 4.41
N THR A 183 18.19 4.49 4.32
CA THR A 183 17.30 4.45 5.48
C THR A 183 17.29 3.07 6.12
N ASP A 184 18.02 2.92 7.22
CA ASP A 184 18.22 1.63 7.85
C ASP A 184 16.98 1.08 8.55
N VAL A 185 15.81 1.38 7.99
CA VAL A 185 14.55 0.87 8.53
C VAL A 185 14.20 -0.47 7.89
N SER A 186 13.26 -1.19 8.48
CA SER A 186 12.80 -2.46 7.92
C SER A 186 11.92 -2.22 6.70
N ILE A 187 12.13 -3.02 5.67
CA ILE A 187 11.40 -2.85 4.40
C ILE A 187 10.80 -4.16 3.92
N LEU A 188 9.56 -4.11 3.43
CA LEU A 188 8.92 -5.29 2.87
C LEU A 188 9.19 -5.37 1.37
N ILE A 189 9.79 -6.47 0.95
CA ILE A 189 10.06 -6.70 -0.47
C ILE A 189 9.01 -7.60 -1.11
N TYR A 190 8.36 -7.09 -2.15
CA TYR A 190 7.34 -7.87 -2.83
C TYR A 190 7.51 -7.86 -4.35
N GLY A 191 7.27 -9.03 -4.93
CA GLY A 191 7.36 -9.26 -6.36
C GLY A 191 6.89 -10.69 -6.54
N GLU A 192 6.86 -11.19 -7.76
CA GLU A 192 6.44 -12.58 -7.96
C GLU A 192 7.61 -13.53 -7.73
N SER A 193 7.32 -14.82 -7.69
CA SER A 193 8.33 -15.83 -7.36
C SER A 193 9.38 -15.95 -8.46
N GLY A 194 10.63 -16.13 -8.04
CA GLY A 194 11.75 -16.28 -8.96
C GLY A 194 12.08 -15.00 -9.71
N THR A 195 11.96 -13.86 -9.03
CA THR A 195 12.19 -12.57 -9.68
C THR A 195 13.59 -12.03 -9.38
N GLY A 196 14.12 -12.35 -8.20
CA GLY A 196 15.44 -11.88 -7.82
C GLY A 196 15.41 -10.97 -6.61
N LYS A 197 14.53 -11.29 -5.66
CA LYS A 197 14.34 -10.46 -4.47
C LYS A 197 15.58 -10.34 -3.60
N GLU A 198 16.35 -11.42 -3.47
CA GLU A 198 17.58 -11.39 -2.68
C GLU A 198 18.65 -10.53 -3.34
N THR A 199 18.75 -10.62 -4.66
CA THR A 199 19.68 -9.80 -5.44
C THR A 199 19.50 -8.32 -5.10
N VAL A 200 18.24 -7.92 -4.92
CA VAL A 200 17.91 -6.57 -4.50
C VAL A 200 18.48 -6.27 -3.12
N ALA A 201 18.25 -7.17 -2.17
CA ALA A 201 18.74 -7.02 -0.80
C ALA A 201 20.25 -6.81 -0.78
N LYS A 202 20.97 -7.61 -1.56
CA LYS A 202 22.42 -7.45 -1.68
C LYS A 202 22.76 -6.09 -2.30
N ALA A 203 21.87 -5.61 -3.17
CA ALA A 203 22.09 -4.36 -3.88
C ALA A 203 21.81 -3.15 -2.99
N ILE A 204 20.76 -3.24 -2.18
CA ILE A 204 20.40 -2.14 -1.29
C ILE A 204 21.26 -2.14 -0.04
N HIS A 205 21.91 -3.27 0.22
CA HIS A 205 22.86 -3.36 1.33
C HIS A 205 24.08 -2.50 0.99
N LYS A 206 24.37 -2.41 -0.30
CA LYS A 206 25.45 -1.56 -0.80
C LYS A 206 25.15 -0.09 -0.55
N THR A 207 23.87 0.27 -0.60
CA THR A 207 23.48 1.65 -0.40
C THR A 207 23.45 1.95 1.10
N SER A 208 23.18 0.92 1.90
CA SER A 208 23.09 1.06 3.35
C SER A 208 24.43 1.51 3.92
N SER A 209 24.41 2.04 5.14
CA SER A 209 25.62 2.49 5.81
C SER A 209 26.33 1.31 6.48
N ARG A 210 25.70 0.14 6.40
CA ARG A 210 26.29 -1.08 6.93
C ARG A 210 26.68 -2.07 5.84
N ALA A 211 27.21 -1.55 4.74
CA ALA A 211 27.56 -2.36 3.57
C ALA A 211 28.75 -3.28 3.85
N GLN A 212 29.72 -2.79 4.62
CA GLN A 212 30.95 -3.53 4.88
C GLN A 212 30.75 -4.64 5.89
N LYS A 213 29.52 -4.81 6.35
CA LYS A 213 29.19 -5.79 7.38
C LYS A 213 28.66 -7.07 6.73
N PRO A 214 28.57 -8.17 7.49
CA PRO A 214 28.10 -9.43 6.90
C PRO A 214 26.66 -9.37 6.39
N PHE A 215 26.33 -10.24 5.44
CA PHE A 215 24.97 -10.34 4.92
C PHE A 215 24.50 -11.79 4.95
N ILE A 216 23.28 -12.01 5.46
CA ILE A 216 22.74 -13.36 5.63
C ILE A 216 21.33 -13.54 5.08
N SER A 217 21.22 -14.23 3.95
CA SER A 217 19.92 -14.63 3.41
C SER A 217 19.33 -15.84 4.12
N VAL A 218 18.01 -15.89 4.19
CA VAL A 218 17.30 -16.98 4.87
C VAL A 218 16.08 -17.45 4.07
N ASN A 219 16.22 -18.60 3.41
CA ASN A 219 15.08 -19.25 2.76
C ASN A 219 14.12 -19.88 3.76
N CYS A 220 13.22 -19.06 4.30
CA CYS A 220 12.29 -19.49 5.34
C CYS A 220 11.27 -20.53 4.86
N ARG A 221 11.34 -20.89 3.58
CA ARG A 221 10.41 -21.85 3.01
C ARG A 221 10.59 -23.27 3.57
N ALA A 222 11.82 -23.74 3.57
CA ALA A 222 12.13 -25.11 3.98
C ALA A 222 12.77 -25.25 5.38
N MET A 223 12.09 -24.78 6.42
CA MET A 223 12.64 -24.91 7.78
C MET A 223 11.57 -25.30 8.80
N SER A 224 11.91 -26.23 9.69
CA SER A 224 10.99 -26.67 10.72
C SER A 224 11.04 -25.76 11.96
N GLU A 225 9.90 -25.68 12.66
CA GLU A 225 9.74 -24.84 13.85
C GLU A 225 10.85 -24.94 14.89
N LYS A 226 11.00 -26.14 15.44
CA LYS A 226 12.02 -26.44 16.46
C LYS A 226 13.40 -25.95 16.05
N ARG A 227 13.81 -26.29 14.83
CA ARG A 227 15.10 -25.88 14.30
C ARG A 227 15.12 -24.38 14.04
N LEU A 228 13.99 -23.83 13.62
CA LEU A 228 13.87 -22.38 13.42
C LEU A 228 14.07 -21.65 14.74
N GLU A 229 13.43 -22.17 15.78
CA GLU A 229 13.57 -21.62 17.12
C GLU A 229 15.01 -21.75 17.62
N SER A 230 15.72 -22.76 17.12
CA SER A 230 17.11 -22.97 17.49
C SER A 230 18.04 -21.98 16.80
N GLU A 231 17.48 -21.16 15.92
CA GLU A 231 18.26 -20.15 15.20
C GLU A 231 18.21 -18.79 15.89
N LEU A 232 17.13 -18.51 16.60
CA LEU A 232 16.94 -17.19 17.20
C LEU A 232 17.50 -17.15 18.61
N PHE A 233 16.66 -17.44 19.59
CA PHE A 233 17.08 -17.55 20.98
C PHE A 233 17.66 -18.93 21.24
N GLY A 234 17.57 -19.80 20.23
CA GLY A 234 18.13 -21.13 20.28
C GLY A 234 17.30 -22.07 21.13
N LEU A 235 17.29 -23.34 20.74
CA LEU A 235 16.55 -24.37 21.48
C LEU A 235 17.27 -25.71 21.50
N GLY A 236 16.50 -26.78 21.36
CA GLY A 236 17.03 -28.12 21.19
C GLY A 236 17.59 -28.70 22.46
N GLU A 237 18.92 -28.74 22.52
CA GLU A 237 19.67 -29.28 23.66
C GLU A 237 21.15 -29.10 23.31
N THR A 238 21.46 -27.93 22.76
CA THR A 238 22.78 -27.65 22.24
C THR A 238 23.82 -27.34 23.32
N GLU A 239 24.19 -28.36 24.09
CA GLU A 239 25.27 -28.24 25.06
C GLU A 239 26.60 -28.50 24.36
N GLU A 240 26.63 -28.25 23.05
CA GLU A 240 27.78 -28.56 22.22
C GLU A 240 28.29 -27.32 21.50
N GLY A 241 27.79 -27.09 20.29
CA GLY A 241 28.23 -25.97 19.46
C GLY A 241 27.08 -25.31 18.73
N GLN A 242 26.77 -24.07 19.10
CA GLN A 242 25.62 -23.36 18.54
C GLN A 242 25.87 -21.85 18.40
N GLN A 243 25.46 -21.28 17.27
CA GLN A 243 25.62 -19.85 17.04
C GLN A 243 24.48 -19.29 16.17
N PRO A 244 23.81 -18.24 16.67
CA PRO A 244 22.67 -17.56 16.05
C PRO A 244 23.02 -16.69 14.84
N PHE A 245 22.08 -16.55 13.91
CA PHE A 245 22.27 -15.74 12.71
C PHE A 245 22.48 -14.27 13.07
N LEU A 246 21.62 -13.76 13.95
CA LEU A 246 21.69 -12.37 14.41
C LEU A 246 23.09 -11.97 14.85
N LEU A 247 23.75 -12.85 15.60
CA LEU A 247 25.13 -12.64 16.01
C LEU A 247 26.01 -12.38 14.79
N GLN A 248 25.96 -13.32 13.84
CA GLN A 248 26.71 -13.18 12.60
C GLN A 248 26.22 -11.96 11.80
N ALA A 249 24.91 -11.76 11.80
CA ALA A 249 24.30 -10.65 11.06
C ALA A 249 24.38 -9.33 11.82
N ASP A 250 24.98 -9.35 13.01
CA ASP A 250 25.14 -8.14 13.81
C ASP A 250 25.92 -7.07 13.07
N GLY A 251 25.38 -5.86 13.04
CA GLY A 251 26.01 -4.77 12.33
C GLY A 251 25.60 -4.74 10.88
N GLY A 252 25.23 -5.91 10.34
CA GLY A 252 24.87 -6.02 8.94
C GLY A 252 23.39 -6.16 8.69
N THR A 253 23.04 -6.92 7.66
CA THR A 253 21.65 -7.02 7.22
C THR A 253 21.22 -8.46 7.03
N LEU A 254 20.06 -8.81 7.59
CA LEU A 254 19.50 -10.13 7.42
C LEU A 254 18.25 -10.07 6.53
N LEU A 255 18.11 -11.05 5.65
CA LEU A 255 16.96 -11.12 4.74
C LEU A 255 16.15 -12.39 4.95
N LEU A 256 14.83 -12.23 4.93
CA LEU A 256 13.94 -13.38 5.07
C LEU A 256 13.12 -13.57 3.80
N ASN A 257 13.33 -14.70 3.13
CA ASN A 257 12.62 -15.01 1.89
C ASN A 257 11.47 -15.96 2.19
N ASP A 258 10.32 -15.72 1.55
CA ASP A 258 9.10 -16.47 1.81
C ASP A 258 8.73 -16.32 3.29
N ILE A 259 8.48 -15.07 3.68
CA ILE A 259 8.38 -14.71 5.09
C ILE A 259 7.08 -15.23 5.72
N LEU A 260 6.00 -15.18 4.97
CA LEU A 260 4.69 -15.61 5.46
C LEU A 260 4.69 -17.08 5.86
N THR A 261 5.65 -17.84 5.34
CA THR A 261 5.78 -19.25 5.68
C THR A 261 6.14 -19.49 7.14
N LEU A 262 6.44 -18.40 7.86
CA LEU A 262 6.82 -18.48 9.27
C LEU A 262 5.67 -19.00 10.13
N PRO A 263 5.98 -19.92 11.05
CA PRO A 263 5.03 -20.42 12.06
C PRO A 263 4.74 -19.36 13.12
N LYS A 264 3.60 -19.48 13.79
CA LYS A 264 3.19 -18.53 14.83
C LYS A 264 4.27 -18.32 15.88
N SER A 265 4.73 -19.42 16.47
CA SER A 265 5.67 -19.38 17.58
C SER A 265 6.96 -18.62 17.25
N GLN A 266 7.36 -18.68 15.98
CA GLN A 266 8.60 -18.03 15.55
C GLN A 266 8.38 -16.55 15.29
N GLN A 267 7.22 -16.20 14.74
CA GLN A 267 6.87 -14.80 14.53
C GLN A 267 6.80 -14.05 15.87
N LEU A 268 6.41 -14.78 16.92
CA LEU A 268 6.46 -14.24 18.28
C LEU A 268 7.87 -13.84 18.64
N ASN A 269 8.78 -14.82 18.62
CA ASN A 269 10.18 -14.59 18.94
C ASN A 269 10.82 -13.52 18.05
N LEU A 270 10.36 -13.45 16.80
CA LEU A 270 10.84 -12.45 15.85
C LEU A 270 10.49 -11.06 16.35
N LEU A 271 9.22 -10.87 16.72
CA LEU A 271 8.73 -9.60 17.21
C LEU A 271 9.41 -9.21 18.53
N ARG A 272 9.68 -10.21 19.36
CA ARG A 272 10.45 -10.02 20.59
C ARG A 272 11.75 -9.29 20.28
N PHE A 273 12.50 -9.83 19.31
CA PHE A 273 13.74 -9.22 18.85
C PHE A 273 13.48 -7.89 18.15
N LEU A 274 12.43 -7.83 17.34
CA LEU A 274 12.13 -6.64 16.56
C LEU A 274 11.79 -5.44 17.46
N GLN A 275 11.45 -5.73 18.71
CA GLN A 275 11.12 -4.69 19.68
C GLN A 275 12.29 -4.42 20.64
N GLU A 276 13.03 -5.46 20.98
CA GLU A 276 14.09 -5.35 21.98
C GLU A 276 15.50 -5.40 21.37
N GLY A 277 15.62 -6.01 20.20
CA GLY A 277 16.91 -6.14 19.55
C GLY A 277 17.85 -7.03 20.33
N THR A 278 17.29 -8.07 20.97
CA THR A 278 18.08 -8.96 21.81
C THR A 278 17.96 -10.43 21.37
N VAL A 279 19.02 -11.20 21.60
CA VAL A 279 19.03 -12.62 21.26
C VAL A 279 19.64 -13.45 22.38
N GLU A 280 19.43 -14.76 22.32
CA GLU A 280 20.00 -15.66 23.33
C GLU A 280 21.08 -16.53 22.71
N THR A 281 22.22 -16.62 23.39
CA THR A 281 23.34 -17.43 22.90
C THR A 281 23.80 -18.40 23.98
N ARG A 282 24.51 -19.44 23.56
CA ARG A 282 25.05 -20.44 24.47
C ARG A 282 26.00 -19.80 25.48
N GLN A 283 26.81 -18.86 25.01
CA GLN A 283 27.71 -18.12 25.88
C GLN A 283 27.02 -16.93 26.54
N GLY A 284 25.77 -17.10 26.95
CA GLY A 284 25.04 -16.03 27.60
C GLY A 284 24.29 -15.16 26.61
N VAL A 285 23.17 -14.59 27.05
CA VAL A 285 22.36 -13.74 26.19
C VAL A 285 22.99 -12.37 25.92
N ARG A 286 22.89 -11.91 24.69
CA ARG A 286 23.42 -10.60 24.29
C ARG A 286 22.50 -9.93 23.27
N ALA A 287 22.71 -8.64 23.05
CA ALA A 287 21.90 -7.88 22.10
C ALA A 287 22.73 -7.45 20.90
N VAL A 288 22.05 -7.11 19.81
CA VAL A 288 22.73 -6.72 18.57
C VAL A 288 22.01 -5.57 17.89
N ASP A 289 22.50 -5.19 16.72
CA ASP A 289 21.87 -4.14 15.91
C ASP A 289 21.82 -4.57 14.45
N VAL A 290 20.77 -5.29 14.08
CA VAL A 290 20.64 -5.83 12.74
C VAL A 290 19.46 -5.21 11.98
N ARG A 291 19.75 -4.64 10.81
CA ARG A 291 18.70 -4.18 9.92
C ARG A 291 18.04 -5.40 9.27
N ILE A 292 16.72 -5.46 9.35
CA ILE A 292 16.00 -6.65 8.92
C ILE A 292 15.17 -6.42 7.66
N LEU A 293 15.33 -7.32 6.69
CA LEU A 293 14.53 -7.29 5.47
C LEU A 293 13.72 -8.57 5.32
N ALA A 294 12.70 -8.52 4.48
CA ALA A 294 11.84 -9.68 4.25
C ALA A 294 11.37 -9.73 2.80
N ALA A 295 11.27 -10.93 2.25
CA ALA A 295 10.83 -11.10 0.86
C ALA A 295 9.52 -11.86 0.80
N ASN A 296 8.72 -11.58 -0.23
CA ASN A 296 7.41 -12.20 -0.38
C ASN A 296 6.95 -12.25 -1.83
N SER A 297 6.21 -13.29 -2.18
CA SER A 297 5.70 -13.48 -3.53
C SER A 297 4.21 -13.81 -3.53
N SER A 298 3.63 -13.88 -2.34
CA SER A 298 2.23 -14.29 -2.19
C SER A 298 1.31 -13.10 -1.94
N ASP A 299 0.01 -13.37 -1.91
CA ASP A 299 -1.00 -12.36 -1.64
C ASP A 299 -0.95 -11.92 -0.18
N ILE A 300 -0.22 -10.84 0.07
CA ILE A 300 -0.01 -10.34 1.43
C ILE A 300 -1.31 -10.01 2.17
N GLU A 301 -2.27 -9.42 1.47
CA GLU A 301 -3.54 -9.03 2.08
C GLU A 301 -4.31 -10.23 2.60
N LYS A 302 -4.25 -11.34 1.88
CA LYS A 302 -4.96 -12.55 2.26
C LYS A 302 -4.42 -13.19 3.54
N ALA A 303 -3.12 -13.12 3.74
CA ALA A 303 -2.49 -13.72 4.91
C ALA A 303 -2.83 -12.99 6.21
N LEU A 304 -2.82 -11.66 6.18
CA LEU A 304 -3.07 -10.87 7.37
C LEU A 304 -4.49 -11.07 7.90
N ILE A 305 -5.46 -10.92 7.02
CA ILE A 305 -6.87 -10.98 7.38
C ILE A 305 -7.27 -12.36 7.91
N ASP A 306 -6.74 -13.41 7.30
CA ASP A 306 -7.09 -14.77 7.71
C ASP A 306 -6.55 -15.10 9.10
N GLY A 307 -5.47 -14.44 9.50
CA GLY A 307 -4.87 -14.70 10.79
C GLY A 307 -3.44 -15.20 10.77
N ASP A 308 -2.94 -15.56 9.59
CA ASP A 308 -1.68 -16.29 9.49
C ASP A 308 -0.47 -15.47 9.95
N PHE A 309 -0.51 -14.16 9.74
CA PHE A 309 0.61 -13.31 10.13
C PHE A 309 0.19 -12.18 11.08
N ASN A 310 0.92 -12.06 12.19
CA ASN A 310 0.67 -11.01 13.17
C ASN A 310 0.79 -9.62 12.57
N GLU A 311 -0.32 -8.91 12.50
CA GLU A 311 -0.38 -7.62 11.83
C GLU A 311 0.49 -6.56 12.52
N GLU A 312 0.53 -6.59 13.84
CA GLU A 312 1.45 -5.75 14.61
C GLU A 312 2.88 -5.92 14.08
N LEU A 313 3.29 -7.17 13.93
CA LEU A 313 4.59 -7.52 13.37
C LEU A 313 4.72 -7.03 11.93
N TYR A 314 3.62 -7.08 11.19
CA TYR A 314 3.59 -6.64 9.80
C TYR A 314 3.96 -5.17 9.64
N HIS A 315 3.44 -4.32 10.53
CA HIS A 315 3.73 -2.90 10.47
C HIS A 315 5.18 -2.60 10.85
N TYR A 316 5.78 -3.50 11.63
CA TYR A 316 7.19 -3.38 11.97
C TYR A 316 8.08 -3.59 10.76
N ILE A 317 7.58 -4.33 9.77
CA ILE A 317 8.37 -4.65 8.58
C ILE A 317 7.84 -3.88 7.36
N ASN A 318 6.54 -3.61 7.34
CA ASN A 318 5.93 -2.86 6.23
C ASN A 318 6.11 -1.36 6.40
N VAL A 319 7.19 -0.98 7.08
CA VAL A 319 7.57 0.43 7.19
C VAL A 319 7.76 1.03 5.81
N LEU A 320 8.37 0.23 4.93
CA LEU A 320 8.54 0.62 3.53
C LEU A 320 8.25 -0.55 2.61
N ARG A 321 7.71 -0.24 1.43
CA ARG A 321 7.39 -1.25 0.43
C ARG A 321 8.19 -1.05 -0.85
N ILE A 322 8.55 -2.15 -1.48
CA ILE A 322 9.22 -2.11 -2.77
C ILE A 322 8.65 -3.19 -3.70
N ASN A 323 8.25 -2.77 -4.89
CA ASN A 323 7.60 -3.67 -5.83
C ASN A 323 8.57 -4.13 -6.91
N VAL A 324 8.94 -5.41 -6.85
CA VAL A 324 9.85 -5.99 -7.84
C VAL A 324 9.08 -6.44 -9.07
N PRO A 325 9.25 -5.73 -10.19
CA PRO A 325 8.49 -6.00 -11.42
C PRO A 325 8.85 -7.32 -12.08
N SER A 326 7.83 -8.13 -12.36
CA SER A 326 8.03 -9.40 -13.04
C SER A 326 8.40 -9.19 -14.50
N LEU A 327 8.79 -10.27 -15.17
CA LEU A 327 9.13 -10.22 -16.59
C LEU A 327 7.94 -9.78 -17.44
N LYS A 328 6.73 -10.04 -16.95
CA LYS A 328 5.51 -9.61 -17.63
C LYS A 328 5.50 -8.10 -17.87
N GLU A 329 6.06 -7.35 -16.92
CA GLU A 329 6.10 -5.91 -17.03
C GLU A 329 7.20 -5.52 -18.01
N ARG A 330 8.41 -6.03 -17.74
CA ARG A 330 9.59 -5.72 -18.53
C ARG A 330 9.73 -6.63 -19.75
N ALA A 331 9.08 -6.25 -20.85
CA ALA A 331 9.19 -7.02 -22.08
C ALA A 331 10.49 -6.71 -22.81
N SER A 332 10.95 -5.47 -22.71
CA SER A 332 12.19 -5.02 -23.33
C SER A 332 13.44 -5.48 -22.60
N ASP A 333 13.26 -6.03 -21.41
CA ASP A 333 14.39 -6.57 -20.64
C ASP A 333 14.72 -7.99 -21.06
N ILE A 334 13.70 -8.73 -21.49
CA ILE A 334 13.84 -10.14 -21.86
C ILE A 334 15.01 -10.38 -22.82
N VAL A 335 15.12 -9.54 -23.84
CA VAL A 335 16.21 -9.64 -24.81
C VAL A 335 17.57 -9.40 -24.13
N LEU A 336 17.66 -8.31 -23.38
CA LEU A 336 18.90 -7.95 -22.70
C LEU A 336 19.26 -8.96 -21.61
N LEU A 337 18.25 -9.46 -20.92
CA LEU A 337 18.45 -10.43 -19.84
C LEU A 337 19.03 -11.75 -20.33
N ALA A 338 18.48 -12.28 -21.41
CA ALA A 338 18.91 -13.57 -21.95
C ALA A 338 20.36 -13.54 -22.42
N LYS A 339 20.75 -12.44 -23.07
CA LYS A 339 22.11 -12.27 -23.57
C LYS A 339 23.16 -12.32 -22.46
N HIS A 340 22.94 -11.55 -21.40
CA HIS A 340 23.86 -11.54 -20.25
C HIS A 340 24.01 -12.93 -19.64
N PHE A 341 22.89 -13.60 -19.38
CA PHE A 341 22.90 -14.94 -18.82
C PHE A 341 23.57 -15.95 -19.76
N LEU A 342 23.52 -15.68 -21.06
CA LEU A 342 24.20 -16.50 -22.05
C LEU A 342 25.72 -16.44 -21.89
N GLN A 343 26.27 -15.23 -22.06
CA GLN A 343 27.72 -15.02 -21.99
C GLN A 343 28.37 -15.60 -20.73
N GLU A 344 27.74 -15.37 -19.58
CA GLU A 344 28.30 -15.80 -18.30
C GLU A 344 28.42 -17.31 -18.18
N TYR A 345 27.31 -18.00 -18.44
CA TYR A 345 27.26 -19.45 -18.29
C TYR A 345 27.98 -20.19 -19.42
N SER A 346 27.96 -19.61 -20.62
CA SER A 346 28.66 -20.19 -21.76
C SER A 346 30.15 -20.23 -21.49
N LYS A 347 30.69 -19.14 -20.95
CA LYS A 347 32.10 -19.05 -20.59
C LYS A 347 32.47 -20.03 -19.48
N GLU A 348 31.57 -20.19 -18.51
CA GLU A 348 31.82 -21.04 -17.37
C GLU A 348 32.02 -22.50 -17.77
N TYR A 349 31.36 -22.91 -18.86
CA TYR A 349 31.42 -24.29 -19.31
C TYR A 349 31.96 -24.42 -20.74
N ASN A 350 32.72 -23.41 -21.18
CA ASN A 350 33.44 -23.46 -22.45
C ASN A 350 32.54 -23.56 -23.67
N ALA A 351 31.22 -23.42 -23.47
CA ALA A 351 30.22 -23.63 -24.50
C ALA A 351 30.51 -22.88 -25.81
N GLN A 352 30.26 -23.56 -26.91
CA GLN A 352 30.48 -23.01 -28.25
C GLN A 352 29.39 -22.01 -28.65
N ALA A 353 28.22 -22.13 -28.03
CA ALA A 353 27.13 -21.18 -28.22
C ALA A 353 27.58 -19.74 -27.93
N ARG A 354 27.34 -18.84 -28.87
CA ARG A 354 27.79 -17.45 -28.71
C ARG A 354 26.70 -16.41 -28.98
N SER A 355 25.58 -16.83 -29.54
CA SER A 355 24.52 -15.89 -29.88
C SER A 355 23.14 -16.53 -30.04
N PHE A 356 22.10 -15.73 -29.90
CA PHE A 356 20.73 -16.17 -30.16
C PHE A 356 20.29 -15.71 -31.54
N SER A 357 19.52 -16.55 -32.23
CA SER A 357 18.89 -16.13 -33.47
C SER A 357 17.78 -15.12 -33.19
N ASP A 358 17.51 -14.25 -34.16
CA ASP A 358 16.38 -13.32 -34.08
C ASP A 358 15.09 -14.11 -33.97
N ASP A 359 15.10 -15.31 -34.56
CA ASP A 359 14.00 -16.26 -34.43
C ASP A 359 13.77 -16.58 -32.96
N ALA A 360 14.84 -16.98 -32.28
CA ALA A 360 14.79 -17.29 -30.87
C ALA A 360 14.38 -16.05 -30.07
N VAL A 361 14.92 -14.90 -30.46
CA VAL A 361 14.58 -13.63 -29.81
C VAL A 361 13.07 -13.36 -29.84
N ARG A 362 12.45 -13.46 -31.00
CA ARG A 362 11.01 -13.25 -31.10
C ARG A 362 10.20 -14.46 -30.63
N GLY A 363 10.75 -15.16 -29.64
CA GLY A 363 10.06 -16.28 -29.03
C GLY A 363 10.25 -16.14 -27.54
N LEU A 364 11.46 -15.72 -27.15
CA LEU A 364 11.78 -15.52 -25.75
C LEU A 364 10.97 -14.37 -25.17
N THR A 365 10.78 -13.33 -25.96
CA THR A 365 9.99 -12.17 -25.54
C THR A 365 8.51 -12.51 -25.42
N ARG A 366 8.03 -13.31 -26.36
CA ARG A 366 6.62 -13.71 -26.40
C ARG A 366 6.23 -14.63 -25.25
N TYR A 367 7.21 -15.36 -24.71
CA TYR A 367 6.96 -16.28 -23.60
C TYR A 367 6.46 -15.55 -22.34
N HIS A 368 5.73 -16.28 -21.51
CA HIS A 368 5.08 -15.71 -20.33
C HIS A 368 6.02 -15.61 -19.13
N TRP A 369 6.85 -16.64 -18.96
CA TRP A 369 7.82 -16.72 -17.85
C TRP A 369 7.18 -16.61 -16.48
N PRO A 370 6.51 -17.67 -16.02
CA PRO A 370 5.93 -17.68 -14.67
C PRO A 370 7.01 -17.60 -13.59
N GLY A 371 8.14 -18.24 -13.83
CA GLY A 371 9.24 -18.27 -12.88
C GLY A 371 10.18 -17.08 -13.03
N ASN A 372 9.88 -16.24 -14.01
CA ASN A 372 10.61 -14.99 -14.26
C ASN A 372 12.13 -15.17 -14.43
N VAL A 373 12.89 -14.34 -13.73
CA VAL A 373 14.34 -14.30 -13.85
C VAL A 373 14.98 -15.65 -13.55
N ARG A 374 14.54 -16.29 -12.46
CA ARG A 374 14.99 -17.63 -12.09
C ARG A 374 14.83 -18.60 -13.25
N GLU A 375 13.58 -18.76 -13.70
CA GLU A 375 13.25 -19.65 -14.81
C GLU A 375 14.07 -19.35 -16.04
N LEU A 376 14.25 -18.06 -16.33
CA LEU A 376 15.04 -17.61 -17.46
C LEU A 376 16.47 -18.11 -17.33
N MET A 377 17.08 -17.85 -16.18
CA MET A 377 18.41 -18.33 -15.88
C MET A 377 18.50 -19.85 -15.96
N ASN A 378 17.50 -20.51 -15.37
CA ASN A 378 17.46 -21.97 -15.35
C ASN A 378 17.36 -22.60 -16.74
N GLN A 379 16.42 -22.13 -17.54
CA GLN A 379 16.19 -22.66 -18.88
C GLN A 379 17.43 -22.53 -19.77
N ILE A 380 17.94 -21.30 -19.90
CA ILE A 380 19.17 -21.06 -20.65
C ILE A 380 20.31 -21.95 -20.16
N LYS A 381 20.47 -22.03 -18.85
CA LYS A 381 21.43 -22.92 -18.21
C LYS A 381 21.34 -24.35 -18.74
N ARG A 382 20.10 -24.85 -18.86
CA ARG A 382 19.83 -26.19 -19.38
C ARG A 382 20.25 -26.29 -20.84
N VAL A 383 19.69 -25.41 -21.66
CA VAL A 383 19.94 -25.37 -23.11
C VAL A 383 21.42 -25.35 -23.48
N VAL A 384 22.20 -24.52 -22.79
CA VAL A 384 23.63 -24.40 -23.03
C VAL A 384 24.33 -25.76 -23.00
N LEU A 385 23.97 -26.58 -22.02
CA LEU A 385 24.58 -27.90 -21.88
C LEU A 385 24.12 -28.87 -22.95
N MET A 386 23.18 -28.43 -23.79
CA MET A 386 22.69 -29.22 -24.91
C MET A 386 23.11 -28.61 -26.25
N SER A 387 23.32 -27.30 -26.25
CA SER A 387 23.70 -26.56 -27.46
C SER A 387 25.01 -27.06 -28.06
N ASP A 388 24.92 -27.69 -29.22
CA ASP A 388 26.11 -28.18 -29.91
C ASP A 388 26.60 -27.17 -30.94
N THR A 389 25.73 -26.24 -31.33
CA THR A 389 26.07 -25.23 -32.32
C THR A 389 26.59 -23.95 -31.68
N VAL A 390 27.01 -23.01 -32.53
CA VAL A 390 27.46 -21.70 -32.07
C VAL A 390 26.29 -20.71 -32.10
N VAL A 391 25.41 -20.88 -33.09
CA VAL A 391 24.22 -20.04 -33.20
C VAL A 391 23.00 -20.75 -32.64
N LEU A 392 22.25 -20.06 -31.79
CA LEU A 392 21.12 -20.66 -31.10
C LEU A 392 19.80 -20.28 -31.77
N ASP A 393 19.12 -21.27 -32.35
CA ASP A 393 17.87 -21.03 -33.04
C ASP A 393 16.69 -21.21 -32.09
N GLU A 394 15.51 -20.80 -32.51
CA GLU A 394 14.31 -20.87 -31.67
C GLU A 394 13.94 -22.32 -31.33
N SER A 395 14.44 -23.26 -32.12
CA SER A 395 14.15 -24.67 -31.92
C SER A 395 14.82 -25.24 -30.66
N GLN A 396 15.93 -24.63 -30.28
CA GLN A 396 16.75 -25.13 -29.18
C GLN A 396 16.35 -24.56 -27.81
N LEU A 397 15.27 -23.79 -27.77
CA LEU A 397 14.94 -23.00 -26.58
C LEU A 397 14.18 -23.82 -25.55
N ASP A 398 12.85 -23.66 -25.51
CA ASP A 398 12.02 -24.27 -24.47
C ASP A 398 12.11 -25.80 -24.40
N LEU A 399 12.92 -26.39 -25.28
CA LEU A 399 13.12 -27.83 -25.32
C LEU A 399 13.66 -28.38 -24.00
N MET B 24 -8.50 32.08 24.83
CA MET B 24 -7.89 31.53 23.63
C MET B 24 -8.24 30.04 23.47
N ASP B 25 -7.91 29.49 22.30
CA ASP B 25 -8.17 28.09 22.02
C ASP B 25 -7.03 27.49 21.20
N SER B 26 -6.63 26.27 21.55
CA SER B 26 -5.51 25.62 20.87
C SER B 26 -5.58 24.10 20.91
N VAL B 27 -4.41 23.48 20.76
CA VAL B 27 -4.29 22.03 20.58
C VAL B 27 -3.02 21.50 21.23
N PRO B 28 -3.16 20.45 22.05
CA PRO B 28 -2.02 19.84 22.75
C PRO B 28 -0.95 19.29 21.80
N GLY B 29 0.26 19.13 22.34
CA GLY B 29 1.40 18.64 21.57
C GLY B 29 2.42 17.95 22.46
N SER B 30 2.86 16.77 22.05
CA SER B 30 3.83 16.00 22.83
C SER B 30 5.23 15.96 22.20
N LEU B 31 6.20 15.53 23.00
CA LEU B 31 7.57 15.38 22.53
C LEU B 31 8.27 14.21 23.24
N VAL B 32 8.97 13.38 22.47
CA VAL B 32 9.62 12.19 23.02
C VAL B 32 11.11 12.42 23.19
N VAL B 33 11.61 12.23 24.41
CA VAL B 33 13.02 12.40 24.72
C VAL B 33 13.38 11.88 26.12
N VAL B 34 14.55 11.28 26.25
CA VAL B 34 15.03 10.82 27.55
C VAL B 34 15.73 11.97 28.27
N GLY B 35 16.42 12.80 27.50
CA GLY B 35 17.15 13.94 28.03
C GLY B 35 16.21 15.07 28.37
N GLY B 36 15.71 15.07 29.62
CA GLY B 36 14.83 16.12 30.11
C GLY B 36 15.37 17.51 29.88
N THR B 37 16.66 17.69 30.14
CA THR B 37 17.32 18.99 30.03
C THR B 37 17.25 19.60 28.63
N TYR B 38 16.82 18.83 27.64
CA TYR B 38 16.71 19.31 26.27
C TYR B 38 15.49 20.22 26.09
N GLU B 39 15.14 20.98 27.13
CA GLU B 39 14.07 21.97 27.11
C GLU B 39 14.12 23.00 25.96
N PRO B 40 15.16 23.86 25.92
CA PRO B 40 15.25 25.08 25.09
C PRO B 40 14.05 25.48 24.24
N TRP B 41 13.53 24.56 23.43
CA TRP B 41 12.41 24.83 22.54
C TRP B 41 11.07 24.61 23.22
N LEU B 42 11.10 24.01 24.40
CA LEU B 42 9.87 23.71 25.14
C LEU B 42 9.18 24.94 25.77
N PRO B 43 9.91 25.76 26.54
CA PRO B 43 9.20 26.88 27.17
C PRO B 43 8.72 27.94 26.18
N VAL B 44 9.35 27.98 25.00
CA VAL B 44 8.95 28.90 23.94
C VAL B 44 7.54 28.59 23.44
N LEU B 45 7.08 27.36 23.68
CA LEU B 45 5.76 26.93 23.23
C LEU B 45 4.73 26.97 24.35
N GLU B 46 5.14 26.58 25.56
CA GLU B 46 4.24 26.63 26.70
C GLU B 46 3.80 28.06 27.00
N LYS B 47 4.76 28.99 27.00
CA LYS B 47 4.47 30.39 27.29
C LYS B 47 3.66 31.03 26.16
N VAL B 48 3.82 30.52 24.95
CA VAL B 48 3.03 31.00 23.82
C VAL B 48 1.74 30.18 23.72
N GLY B 49 1.60 29.19 24.58
CA GLY B 49 0.36 28.44 24.70
C GLY B 49 0.31 27.07 24.06
N TRP B 50 1.15 26.16 24.53
CA TRP B 50 1.16 24.78 24.03
C TRP B 50 1.17 23.77 25.17
N ARG B 51 0.19 22.86 25.14
CA ARG B 51 0.09 21.79 26.13
C ARG B 51 1.18 20.76 25.90
N CYS B 52 2.34 20.96 26.53
CA CYS B 52 3.47 20.05 26.34
C CYS B 52 3.41 18.78 27.18
N THR B 53 3.73 17.66 26.55
CA THR B 53 3.83 16.36 27.22
C THR B 53 5.12 15.67 26.79
N GLN B 54 5.80 15.01 27.72
CA GLN B 54 7.11 14.46 27.41
C GLN B 54 7.24 12.98 27.80
N VAL B 55 7.67 12.16 26.85
CA VAL B 55 7.83 10.72 27.05
C VAL B 55 9.28 10.26 26.88
N ALA B 56 9.63 9.18 27.55
CA ALA B 56 11.00 8.69 27.56
C ALA B 56 11.16 7.23 27.09
N ASP B 57 10.56 6.31 27.83
CA ASP B 57 10.82 4.87 27.69
C ASP B 57 10.30 4.21 26.41
N LEU B 58 10.14 4.99 25.34
CA LEU B 58 9.87 4.46 24.00
C LEU B 58 8.55 3.69 23.85
N ARG B 59 8.23 2.83 24.80
CA ARG B 59 7.01 2.04 24.74
C ARG B 59 5.80 2.84 25.20
N LYS B 60 6.04 3.74 26.16
CA LYS B 60 5.00 4.61 26.70
C LYS B 60 4.28 5.52 25.69
N PRO B 61 5.02 6.23 24.82
CA PRO B 61 4.33 7.16 23.91
C PRO B 61 3.32 6.52 22.98
N ASP B 62 3.52 5.26 22.61
CA ASP B 62 2.56 4.54 21.77
C ASP B 62 1.17 4.63 22.37
N ALA B 63 1.03 4.16 23.60
CA ALA B 63 -0.21 4.28 24.35
C ALA B 63 -0.61 5.74 24.52
N LEU B 64 0.37 6.60 24.77
CA LEU B 64 0.12 8.03 24.89
C LEU B 64 -0.40 8.64 23.60
N PHE B 65 0.20 8.26 22.48
CA PHE B 65 -0.19 8.79 21.18
C PHE B 65 -1.55 8.23 20.74
N VAL B 66 -1.84 6.99 21.11
CA VAL B 66 -3.08 6.35 20.74
C VAL B 66 -4.24 6.85 21.60
N GLU B 67 -3.92 7.49 22.73
CA GLU B 67 -4.96 8.00 23.62
C GLU B 67 -5.12 9.51 23.46
N THR B 68 -4.05 10.19 23.06
CA THR B 68 -4.10 11.64 22.91
C THR B 68 -4.89 11.98 21.65
N GLY B 69 -4.83 11.09 20.67
CA GLY B 69 -5.50 11.30 19.40
C GLY B 69 -4.65 12.14 18.46
N PRO B 70 -5.31 12.99 17.66
CA PRO B 70 -4.64 13.91 16.75
C PRO B 70 -3.80 14.94 17.49
N CYS B 71 -2.53 15.07 17.13
CA CYS B 71 -1.62 15.98 17.82
C CYS B 71 -0.37 16.24 16.99
N ILE B 72 0.66 16.78 17.64
CA ILE B 72 1.95 17.02 16.99
C ILE B 72 3.08 16.46 17.86
N GLY B 73 3.97 15.70 17.22
CA GLY B 73 5.07 15.06 17.92
C GLY B 73 6.43 15.46 17.38
N ILE B 74 7.32 15.88 18.29
CA ILE B 74 8.68 16.25 17.93
C ILE B 74 9.64 15.10 18.21
N VAL B 75 10.49 14.79 17.24
CA VAL B 75 11.45 13.70 17.35
C VAL B 75 12.87 14.16 17.62
N ASP B 76 13.36 13.91 18.82
CA ASP B 76 14.74 14.23 19.18
C ASP B 76 15.67 13.20 18.55
N LEU B 77 16.49 13.67 17.62
CA LEU B 77 17.39 12.80 16.85
C LEU B 77 18.84 12.93 17.26
N SER B 78 19.20 14.09 17.83
CA SER B 78 20.56 14.37 18.33
C SER B 78 21.33 13.13 18.82
N HIS B 79 21.74 12.30 17.87
CA HIS B 79 22.40 11.02 18.15
C HIS B 79 21.49 10.18 19.05
N ASP B 80 21.44 10.55 20.32
CA ASP B 80 20.50 9.95 21.29
C ASP B 80 20.55 8.44 21.38
N GLU B 81 19.42 7.85 21.79
CA GLU B 81 19.35 6.43 22.10
C GLU B 81 18.00 5.83 21.74
N PHE B 82 17.75 5.63 20.45
CA PHE B 82 16.51 5.02 19.98
C PHE B 82 16.81 4.05 18.84
N SER B 83 15.95 3.05 18.67
CA SER B 83 16.08 2.12 17.55
C SER B 83 15.43 2.73 16.31
N LEU B 84 16.21 2.98 15.26
CA LEU B 84 15.69 3.65 14.07
C LEU B 84 14.57 2.88 13.36
N ASN B 85 14.52 1.57 13.59
CA ASN B 85 13.43 0.76 13.05
C ASN B 85 12.12 1.07 13.77
N GLY B 86 12.13 0.89 15.08
CA GLY B 86 10.99 1.20 15.93
C GLY B 86 10.46 2.60 15.76
N ILE B 87 11.36 3.55 15.47
CA ILE B 87 10.96 4.93 15.25
C ILE B 87 10.04 5.04 14.04
N ALA B 88 10.58 4.69 12.87
CA ALA B 88 9.82 4.70 11.62
C ALA B 88 8.58 3.82 11.70
N ASN B 89 8.69 2.74 12.47
CA ASN B 89 7.56 1.87 12.76
C ASN B 89 6.40 2.65 13.37
N LEU B 90 6.68 3.30 14.50
CA LEU B 90 5.72 4.15 15.19
C LEU B 90 5.16 5.24 14.27
N VAL B 91 6.04 5.87 13.50
CA VAL B 91 5.67 6.94 12.58
C VAL B 91 4.46 6.62 11.70
N SER B 92 4.34 5.36 11.30
CA SER B 92 3.23 4.95 10.44
C SER B 92 2.51 3.71 10.97
N SER B 93 2.71 3.42 12.26
CA SER B 93 2.04 2.31 12.92
C SER B 93 0.53 2.46 12.83
N HIS B 94 -0.02 3.30 13.71
CA HIS B 94 -1.42 3.70 13.63
C HIS B 94 -1.48 5.21 13.79
N LYS B 95 -0.31 5.79 14.06
CA LYS B 95 -0.15 7.23 14.14
C LYS B 95 0.05 7.78 12.72
N GLN B 96 -0.95 7.68 11.86
CA GLN B 96 -0.76 7.97 10.45
C GLN B 96 -0.95 9.44 10.11
N VAL B 97 -2.02 9.76 9.38
CA VAL B 97 -2.30 11.13 9.00
C VAL B 97 -2.68 11.94 10.24
N ARG B 98 -3.35 11.28 11.17
CA ARG B 98 -3.75 11.88 12.44
C ARG B 98 -2.58 12.42 13.26
N TRP B 99 -1.36 12.15 12.80
CA TRP B 99 -0.17 12.63 13.49
C TRP B 99 0.83 13.14 12.46
N LEU B 100 1.40 14.31 12.73
CA LEU B 100 2.33 14.94 11.80
C LEU B 100 3.78 14.79 12.24
N ALA B 101 4.64 14.36 11.33
CA ALA B 101 6.02 14.08 11.65
C ALA B 101 6.88 15.34 11.70
N PHE B 102 7.90 15.31 12.55
CA PHE B 102 8.81 16.43 12.75
C PHE B 102 10.02 15.97 13.56
N ILE B 103 11.22 16.42 13.19
CA ILE B 103 12.41 15.94 13.88
C ILE B 103 13.27 17.06 14.44
N ARG B 104 14.09 16.70 15.42
CA ARG B 104 15.03 17.62 16.06
C ARG B 104 16.39 16.94 16.15
N GLU B 105 17.41 17.56 15.57
CA GLU B 105 18.74 16.93 15.53
C GLU B 105 19.87 17.88 15.91
N ALA B 106 21.03 17.29 16.19
CA ALA B 106 22.23 18.02 16.60
C ALA B 106 23.19 18.27 15.43
N GLN B 107 22.63 18.61 14.27
CA GLN B 107 23.39 18.84 13.04
C GLN B 107 24.10 17.54 12.64
N LEU B 108 23.37 16.67 11.95
CA LEU B 108 23.93 15.39 11.50
C LEU B 108 23.69 15.10 10.02
N SER B 109 23.25 16.10 9.26
CA SER B 109 22.89 15.89 7.86
C SER B 109 24.08 15.44 7.02
N SER B 110 24.20 14.13 6.81
CA SER B 110 25.30 13.56 6.05
C SER B 110 25.10 12.08 5.72
N ASP B 111 25.07 11.24 6.75
CA ASP B 111 25.01 9.80 6.59
C ASP B 111 23.56 9.30 6.45
N THR B 112 23.32 8.08 6.89
CA THR B 112 22.02 7.43 6.78
C THR B 112 20.94 8.25 7.49
N ILE B 113 21.29 8.73 8.68
CA ILE B 113 20.38 9.47 9.56
C ILE B 113 19.49 10.49 8.88
N CYS B 114 20.07 11.35 8.04
CA CYS B 114 19.27 12.31 7.29
C CYS B 114 18.54 11.72 6.10
N GLN B 115 18.95 10.54 5.64
CA GLN B 115 18.22 9.90 4.54
C GLN B 115 16.94 9.30 5.12
N PHE B 116 16.97 9.05 6.42
CA PHE B 116 15.81 8.56 7.16
C PHE B 116 14.68 9.59 7.17
N ILE B 117 14.99 10.82 6.78
CA ILE B 117 14.01 11.89 6.69
C ILE B 117 13.22 11.73 5.39
N VAL B 118 13.23 10.49 4.86
CA VAL B 118 12.37 10.08 3.77
C VAL B 118 10.96 9.87 4.32
N ASN B 119 10.86 9.82 5.64
CA ASN B 119 9.59 9.64 6.32
C ASN B 119 8.84 10.95 6.46
N PHE B 120 8.69 11.64 5.32
CA PHE B 120 8.02 12.93 5.25
C PHE B 120 8.70 13.95 6.16
N CYS B 121 8.34 13.93 7.43
CA CYS B 121 8.92 14.79 8.46
C CYS B 121 8.66 16.28 8.25
N ILE B 122 8.20 16.64 7.06
CA ILE B 122 7.83 18.02 6.69
C ILE B 122 9.02 18.99 6.88
N ASP B 123 9.58 19.07 8.08
CA ASP B 123 10.74 19.93 8.32
C ASP B 123 11.64 19.36 9.41
N PHE B 124 12.75 20.06 9.68
CA PHE B 124 13.70 19.62 10.69
C PHE B 124 14.09 20.77 11.61
N PHE B 125 14.93 20.46 12.59
CA PHE B 125 15.36 21.43 13.58
C PHE B 125 16.88 21.55 13.64
N THR B 126 17.40 22.74 13.36
CA THR B 126 18.82 23.01 13.58
C THR B 126 19.14 22.77 15.05
N ALA B 127 20.41 22.49 15.35
CA ALA B 127 20.83 22.25 16.72
C ALA B 127 20.64 23.47 17.64
N PRO B 128 20.95 24.69 17.15
CA PRO B 128 20.56 25.84 17.98
C PRO B 128 19.04 26.03 18.08
N ILE B 129 18.65 27.26 18.41
CA ILE B 129 17.24 27.61 18.60
C ILE B 129 16.82 28.69 17.62
N PRO B 130 16.37 28.29 16.42
CA PRO B 130 15.84 29.31 15.50
C PRO B 130 14.58 29.99 16.07
N ASP B 131 14.79 30.87 17.05
CA ASP B 131 13.73 31.46 17.87
C ASP B 131 12.44 31.82 17.14
N ALA B 132 12.51 32.80 16.26
CA ALA B 132 11.33 33.28 15.54
C ALA B 132 11.05 32.37 14.35
N GLN B 133 12.13 31.79 13.82
CA GLN B 133 12.05 30.88 12.69
C GLN B 133 11.31 29.60 13.10
N LEU B 134 11.46 29.22 14.38
CA LEU B 134 10.82 28.02 14.91
C LEU B 134 9.29 28.06 14.78
N LEU B 135 8.70 29.20 15.12
CA LEU B 135 7.26 29.39 14.94
C LEU B 135 6.89 29.35 13.46
N SER B 136 7.76 29.91 12.63
CA SER B 136 7.54 29.93 11.19
C SER B 136 7.49 28.50 10.64
N THR B 137 8.41 27.65 11.10
CA THR B 137 8.42 26.25 10.70
C THR B 137 7.16 25.53 11.16
N ILE B 138 6.77 25.78 12.40
CA ILE B 138 5.62 25.13 13.02
C ILE B 138 4.30 25.69 12.51
N GLY B 139 4.21 27.02 12.46
CA GLY B 139 2.99 27.73 12.11
C GLY B 139 2.32 27.32 10.82
N HIS B 140 3.11 26.86 9.86
CA HIS B 140 2.60 26.42 8.56
C HIS B 140 1.72 25.18 8.69
N GLN B 141 2.11 24.31 9.61
CA GLN B 141 1.45 23.01 9.81
C GLN B 141 0.21 23.10 10.70
N LEU B 142 0.09 24.18 11.47
CA LEU B 142 -0.98 24.33 12.46
C LEU B 142 -2.39 24.30 11.86
N GLY B 143 -2.53 24.72 10.61
CA GLY B 143 -3.82 24.69 9.95
C GLY B 143 -4.36 23.29 9.74
N MET B 144 -3.46 22.31 9.80
CA MET B 144 -3.83 20.91 9.59
C MET B 144 -4.41 20.21 10.82
N LEU B 145 -3.91 20.57 12.00
CA LEU B 145 -4.37 19.94 13.23
C LEU B 145 -5.79 20.37 13.59
N LYS B 146 -6.10 21.64 13.35
CA LYS B 146 -7.45 22.11 13.60
C LYS B 146 -8.40 21.59 12.53
N LEU B 147 -7.81 21.15 11.41
CA LEU B 147 -8.58 20.53 10.34
C LEU B 147 -8.80 19.05 10.68
N GLU B 148 -7.77 18.43 11.26
CA GLU B 148 -7.87 17.05 11.71
C GLU B 148 -8.99 16.86 12.73
N LYS B 149 -9.15 17.84 13.61
CA LYS B 149 -10.18 17.76 14.65
C LYS B 149 -11.61 17.78 14.11
N LYS B 150 -11.81 18.45 12.98
CA LYS B 150 -13.14 18.52 12.38
C LYS B 150 -13.61 17.17 11.82
N VAL B 151 -12.68 16.37 11.33
CA VAL B 151 -13.00 15.10 10.70
C VAL B 151 -12.76 13.87 11.57
N TRP B 152 -12.00 14.03 12.65
CA TRP B 152 -11.62 12.90 13.49
C TRP B 152 -12.68 12.28 14.43
N PRO B 153 -13.67 13.08 14.94
CA PRO B 153 -14.57 12.47 15.93
C PRO B 153 -15.37 11.26 15.43
N HIS B 154 -15.83 11.31 14.18
CA HIS B 154 -16.55 10.22 13.50
C HIS B 154 -16.38 8.84 14.14
N PHE B 155 -15.21 8.24 13.91
CA PHE B 155 -14.84 6.95 14.50
C PHE B 155 -15.80 5.79 14.27
N GLY B 156 -16.80 5.97 13.40
CA GLY B 156 -17.82 4.96 13.18
C GLY B 156 -18.49 4.53 14.46
N SER B 157 -18.65 5.50 15.38
CA SER B 157 -19.34 5.36 16.67
C SER B 157 -20.25 4.16 16.90
N ALA B 158 -21.14 3.88 15.96
CA ALA B 158 -22.19 2.89 16.19
C ALA B 158 -21.67 1.45 16.20
N GLY B 159 -20.38 1.28 15.95
CA GLY B 159 -19.77 -0.05 15.91
C GLY B 159 -20.59 -0.97 15.05
N ASN B 160 -20.69 -0.64 13.76
CA ASN B 160 -21.56 -1.36 12.84
C ASN B 160 -21.09 -2.79 12.63
N MET B 161 -21.25 -3.60 13.69
CA MET B 161 -20.85 -5.01 13.71
C MET B 161 -21.10 -5.72 12.39
N GLY B 162 -20.12 -5.62 11.49
CA GLY B 162 -20.15 -6.16 10.14
C GLY B 162 -21.49 -6.66 9.65
N LEU B 163 -22.37 -5.71 9.31
CA LEU B 163 -23.77 -5.95 8.93
C LEU B 163 -24.11 -7.23 8.15
N ILE B 164 -23.60 -8.37 8.62
CA ILE B 164 -23.80 -9.69 8.02
C ILE B 164 -22.96 -10.72 8.77
N GLY B 165 -21.90 -10.28 9.44
CA GLY B 165 -21.06 -11.18 10.22
C GLY B 165 -20.23 -10.52 11.31
N GLU B 166 -19.70 -11.33 12.22
CA GLU B 166 -18.90 -10.82 13.34
C GLU B 166 -18.11 -11.94 14.05
N SER B 167 -16.83 -12.10 13.70
CA SER B 167 -15.99 -13.06 14.41
C SER B 167 -14.58 -12.53 14.68
N MET B 168 -13.56 -13.32 14.32
CA MET B 168 -12.17 -12.96 14.56
C MET B 168 -11.50 -12.40 13.29
N PRO B 169 -11.62 -13.09 12.14
CA PRO B 169 -11.06 -12.45 10.94
C PRO B 169 -11.89 -11.24 10.51
N MET B 170 -13.10 -11.12 11.07
CA MET B 170 -14.01 -10.04 10.75
C MET B 170 -13.57 -8.71 11.38
N LYS B 171 -13.09 -8.77 12.62
CA LYS B 171 -12.69 -7.57 13.34
C LYS B 171 -11.54 -6.86 12.62
N ARG B 172 -10.64 -7.65 12.04
CA ARG B 172 -9.60 -7.11 11.17
C ARG B 172 -10.22 -6.37 10.00
N LEU B 173 -11.19 -7.00 9.34
CA LEU B 173 -11.90 -6.39 8.22
C LEU B 173 -12.50 -5.04 8.58
N ARG B 174 -13.17 -4.96 9.72
CA ARG B 174 -13.73 -3.69 10.20
C ARG B 174 -12.67 -2.60 10.28
N ASP B 175 -11.64 -2.85 11.08
CA ASP B 175 -10.52 -1.93 11.23
C ASP B 175 -9.95 -1.51 9.89
N GLN B 176 -9.72 -2.50 9.02
CA GLN B 176 -9.26 -2.27 7.67
C GLN B 176 -10.22 -1.37 6.89
N ILE B 177 -11.49 -1.78 6.83
CA ILE B 177 -12.52 -0.99 6.16
C ILE B 177 -12.63 0.43 6.71
N LYS B 178 -12.59 0.56 8.03
CA LYS B 178 -12.74 1.85 8.70
C LYS B 178 -11.65 2.86 8.33
N ARG B 179 -10.44 2.37 8.07
CA ARG B 179 -9.30 3.26 7.80
C ARG B 179 -9.09 3.50 6.31
N ILE B 180 -9.61 2.59 5.48
CA ILE B 180 -9.45 2.71 4.03
C ILE B 180 -10.71 3.29 3.40
N GLY B 181 -11.79 3.31 4.17
CA GLY B 181 -13.07 3.84 3.74
C GLY B 181 -13.02 5.27 3.21
N PRO B 182 -12.72 6.25 4.10
CA PRO B 182 -12.75 7.67 3.74
C PRO B 182 -11.83 8.01 2.57
N THR B 183 -10.68 7.35 2.49
CA THR B 183 -9.77 7.54 1.36
C THR B 183 -10.47 7.22 0.05
N ASP B 184 -10.86 8.27 -0.68
CA ASP B 184 -11.68 8.11 -1.89
C ASP B 184 -10.95 7.50 -3.08
N VAL B 185 -10.01 6.60 -2.80
CA VAL B 185 -9.27 5.91 -3.85
C VAL B 185 -9.99 4.65 -4.31
N SER B 186 -9.59 4.12 -5.46
CA SER B 186 -10.14 2.86 -5.95
C SER B 186 -9.55 1.70 -5.16
N ILE B 187 -10.38 0.74 -4.79
CA ILE B 187 -9.95 -0.38 -3.95
C ILE B 187 -10.37 -1.71 -4.56
N LEU B 188 -9.48 -2.69 -4.51
CA LEU B 188 -9.78 -4.03 -4.99
C LEU B 188 -10.33 -4.91 -3.88
N ILE B 189 -11.56 -5.39 -4.07
CA ILE B 189 -12.19 -6.31 -3.14
C ILE B 189 -12.10 -7.72 -3.69
N TYR B 190 -11.45 -8.63 -2.96
CA TYR B 190 -11.34 -10.00 -3.44
C TYR B 190 -11.64 -11.02 -2.36
N GLY B 191 -12.32 -12.09 -2.75
CA GLY B 191 -12.73 -13.16 -1.85
C GLY B 191 -13.35 -14.26 -2.69
N GLU B 192 -13.86 -15.31 -2.05
CA GLU B 192 -14.51 -16.38 -2.80
C GLU B 192 -15.93 -15.98 -3.15
N SER B 193 -16.57 -16.77 -4.01
CA SER B 193 -17.91 -16.42 -4.50
C SER B 193 -18.97 -16.52 -3.40
N GLY B 194 -19.88 -15.56 -3.37
CA GLY B 194 -20.95 -15.55 -2.40
C GLY B 194 -20.49 -15.26 -0.99
N THR B 195 -19.48 -14.39 -0.86
CA THR B 195 -18.89 -14.09 0.44
C THR B 195 -19.40 -12.79 1.04
N GLY B 196 -19.74 -11.83 0.17
CA GLY B 196 -20.24 -10.55 0.63
C GLY B 196 -19.36 -9.38 0.22
N LYS B 197 -18.77 -9.48 -0.97
CA LYS B 197 -17.91 -8.42 -1.48
C LYS B 197 -18.73 -7.15 -1.68
N GLU B 198 -19.97 -7.35 -2.13
CA GLU B 198 -20.91 -6.26 -2.33
C GLU B 198 -21.30 -5.67 -0.98
N THR B 199 -21.52 -6.55 -0.01
CA THR B 199 -21.81 -6.15 1.37
C THR B 199 -20.69 -5.25 1.91
N VAL B 200 -19.46 -5.62 1.58
CA VAL B 200 -18.29 -4.81 1.93
C VAL B 200 -18.33 -3.46 1.21
N ALA B 201 -18.58 -3.51 -0.10
CA ALA B 201 -18.65 -2.31 -0.93
C ALA B 201 -19.65 -1.29 -0.38
N LYS B 202 -20.83 -1.78 0.00
CA LYS B 202 -21.85 -0.93 0.60
C LYS B 202 -21.38 -0.34 1.94
N ALA B 203 -20.54 -1.09 2.63
CA ALA B 203 -20.08 -0.70 3.96
C ALA B 203 -19.03 0.41 3.91
N ILE B 204 -18.13 0.33 2.93
CA ILE B 204 -17.08 1.34 2.81
C ILE B 204 -17.64 2.61 2.17
N HIS B 205 -18.80 2.50 1.54
CA HIS B 205 -19.48 3.68 1.00
C HIS B 205 -19.99 4.57 2.12
N LYS B 206 -20.41 3.95 3.21
CA LYS B 206 -20.84 4.69 4.39
C LYS B 206 -19.63 5.35 5.05
N THR B 207 -18.49 4.69 4.94
CA THR B 207 -17.22 5.16 5.52
C THR B 207 -16.53 6.18 4.61
N SER B 208 -16.80 6.09 3.32
CA SER B 208 -16.12 6.87 2.28
C SER B 208 -16.18 8.40 2.36
N SER B 209 -16.99 8.93 3.27
CA SER B 209 -17.20 10.39 3.45
C SER B 209 -18.05 10.96 2.31
N ARG B 210 -18.37 10.11 1.34
CA ARG B 210 -19.34 10.47 0.30
C ARG B 210 -20.52 9.55 0.55
N ALA B 211 -20.79 9.33 1.84
CA ALA B 211 -21.81 8.39 2.31
C ALA B 211 -23.22 8.85 1.98
N GLN B 212 -23.46 10.16 2.06
CA GLN B 212 -24.78 10.71 1.84
C GLN B 212 -25.11 10.74 0.34
N LYS B 213 -24.17 10.26 -0.46
CA LYS B 213 -24.31 10.25 -1.90
C LYS B 213 -24.79 8.87 -2.36
N PRO B 214 -25.29 8.76 -3.61
CA PRO B 214 -25.81 7.47 -4.07
C PRO B 214 -24.75 6.37 -4.15
N PHE B 215 -25.20 5.12 -4.08
CA PHE B 215 -24.33 3.96 -4.24
C PHE B 215 -24.98 3.02 -5.25
N ILE B 216 -24.19 2.53 -6.20
CA ILE B 216 -24.73 1.67 -7.22
C ILE B 216 -23.91 0.39 -7.34
N SER B 217 -24.46 -0.70 -6.78
CA SER B 217 -23.89 -2.02 -6.98
C SER B 217 -24.37 -2.51 -8.34
N VAL B 218 -23.55 -3.29 -9.03
CA VAL B 218 -23.94 -3.76 -10.35
C VAL B 218 -23.56 -5.22 -10.56
N ASN B 219 -24.55 -6.10 -10.41
CA ASN B 219 -24.39 -7.48 -10.85
C ASN B 219 -24.53 -7.47 -12.37
N CYS B 220 -23.45 -7.12 -13.06
CA CYS B 220 -23.52 -6.95 -14.51
C CYS B 220 -23.84 -8.27 -15.20
N ARG B 221 -22.81 -9.10 -15.38
CA ARG B 221 -22.91 -10.40 -16.05
C ARG B 221 -23.91 -10.55 -17.19
N ALA B 222 -25.19 -10.32 -16.90
CA ALA B 222 -26.22 -10.62 -17.86
C ALA B 222 -26.48 -9.40 -18.71
N MET B 223 -25.41 -8.97 -19.36
CA MET B 223 -25.41 -7.83 -20.23
C MET B 223 -24.61 -8.15 -21.50
N SER B 224 -25.17 -7.80 -22.64
CA SER B 224 -24.50 -7.98 -23.92
C SER B 224 -23.64 -6.75 -24.17
N GLU B 225 -22.59 -6.91 -24.98
CA GLU B 225 -21.67 -5.80 -25.29
C GLU B 225 -22.44 -4.52 -25.60
N LYS B 226 -23.29 -4.59 -26.64
CA LYS B 226 -24.13 -3.45 -27.04
C LYS B 226 -24.83 -2.83 -25.84
N ARG B 227 -25.46 -3.66 -25.03
CA ARG B 227 -26.13 -3.20 -23.82
C ARG B 227 -25.12 -2.77 -22.75
N LEU B 228 -24.01 -3.50 -22.66
CA LEU B 228 -22.91 -3.15 -21.76
C LEU B 228 -22.27 -1.83 -22.19
N GLU B 229 -22.02 -1.72 -23.49
CA GLU B 229 -21.45 -0.51 -24.08
C GLU B 229 -22.39 0.68 -23.90
N SER B 230 -23.68 0.37 -23.74
CA SER B 230 -24.72 1.39 -23.55
C SER B 230 -24.65 2.05 -22.18
N GLU B 231 -23.70 1.62 -21.35
CA GLU B 231 -23.53 2.19 -20.02
C GLU B 231 -22.58 3.39 -20.04
N LEU B 232 -21.60 3.34 -20.93
CA LEU B 232 -20.55 4.34 -20.97
C LEU B 232 -20.81 5.47 -21.98
N PHE B 233 -21.64 5.20 -22.99
CA PHE B 233 -22.01 6.27 -23.92
C PHE B 233 -23.45 6.17 -24.39
N GLY B 234 -24.13 5.07 -24.03
CA GLY B 234 -25.54 4.96 -24.32
C GLY B 234 -25.93 4.69 -25.76
N LEU B 235 -27.07 4.04 -25.94
CA LEU B 235 -27.62 3.80 -27.26
C LEU B 235 -29.14 4.01 -27.18
N GLY B 236 -29.54 4.96 -26.36
CA GLY B 236 -30.91 5.42 -26.31
C GLY B 236 -31.09 6.46 -27.39
N GLU B 237 -30.96 6.01 -28.65
CA GLU B 237 -31.03 6.80 -29.88
C GLU B 237 -31.42 8.27 -29.75
N THR B 238 -32.56 8.52 -29.12
CA THR B 238 -33.09 9.89 -29.04
C THR B 238 -33.72 10.16 -27.67
N GLU B 239 -32.88 10.22 -26.64
CA GLU B 239 -33.33 10.55 -25.28
C GLU B 239 -34.50 9.69 -24.81
N GLU B 240 -34.63 8.49 -25.37
CA GLU B 240 -35.75 7.61 -25.05
C GLU B 240 -35.68 7.08 -23.63
N GLY B 241 -35.81 7.99 -22.66
CA GLY B 241 -35.68 7.68 -21.25
C GLY B 241 -34.46 6.82 -21.01
N GLN B 242 -33.30 7.45 -21.12
CA GLN B 242 -32.03 6.75 -21.00
C GLN B 242 -30.98 7.67 -20.41
N GLN B 243 -30.19 7.12 -19.49
CA GLN B 243 -29.13 7.86 -18.81
C GLN B 243 -27.99 6.91 -18.49
N PRO B 244 -26.76 7.30 -18.81
CA PRO B 244 -25.63 6.39 -18.55
C PRO B 244 -25.45 6.17 -17.05
N PHE B 245 -24.98 4.99 -16.68
CA PHE B 245 -24.82 4.61 -15.27
C PHE B 245 -23.84 5.49 -14.53
N LEU B 246 -22.67 5.73 -15.15
CA LEU B 246 -21.64 6.60 -14.58
C LEU B 246 -22.19 7.95 -14.12
N LEU B 247 -23.05 8.54 -14.95
CA LEU B 247 -23.72 9.80 -14.66
C LEU B 247 -24.44 9.83 -13.31
N GLN B 248 -25.31 8.84 -13.09
CA GLN B 248 -26.07 8.71 -11.85
C GLN B 248 -25.19 8.58 -10.61
N ALA B 249 -24.08 7.85 -10.76
CA ALA B 249 -23.17 7.58 -9.64
C ALA B 249 -22.28 8.77 -9.31
N ASP B 250 -22.47 9.89 -10.00
CA ASP B 250 -21.69 11.10 -9.76
C ASP B 250 -21.81 11.56 -8.32
N GLY B 251 -20.67 11.81 -7.69
CA GLY B 251 -20.63 12.23 -6.29
C GLY B 251 -20.63 11.03 -5.37
N GLY B 252 -21.19 9.93 -5.83
CA GLY B 252 -21.32 8.73 -5.03
C GLY B 252 -20.35 7.63 -5.42
N THR B 253 -20.82 6.38 -5.31
CA THR B 253 -19.96 5.22 -5.51
C THR B 253 -20.60 4.20 -6.44
N LEU B 254 -19.82 3.75 -7.42
CA LEU B 254 -20.26 2.69 -8.33
C LEU B 254 -19.47 1.41 -8.04
N LEU B 255 -20.14 0.27 -8.14
CA LEU B 255 -19.50 -1.01 -7.90
C LEU B 255 -19.51 -1.86 -9.17
N LEU B 256 -18.38 -2.50 -9.45
CA LEU B 256 -18.26 -3.35 -10.63
C LEU B 256 -18.05 -4.80 -10.22
N ASN B 257 -19.03 -5.64 -10.54
CA ASN B 257 -18.97 -7.04 -10.19
C ASN B 257 -18.60 -7.96 -11.35
N ASP B 258 -17.75 -8.94 -11.07
CA ASP B 258 -17.26 -9.87 -12.09
C ASP B 258 -16.62 -9.08 -13.22
N ILE B 259 -15.58 -8.33 -12.88
CA ILE B 259 -15.04 -7.30 -13.77
C ILE B 259 -14.24 -7.85 -14.95
N LEU B 260 -13.47 -8.90 -14.72
CA LEU B 260 -12.58 -9.46 -15.75
C LEU B 260 -13.33 -9.93 -17.00
N THR B 261 -14.63 -10.18 -16.87
CA THR B 261 -15.46 -10.56 -18.02
C THR B 261 -15.63 -9.42 -19.03
N LEU B 262 -15.12 -8.25 -18.68
CA LEU B 262 -15.24 -7.05 -19.52
C LEU B 262 -14.53 -7.18 -20.86
N PRO B 263 -15.20 -6.75 -21.94
CA PRO B 263 -14.61 -6.68 -23.28
C PRO B 263 -13.59 -5.55 -23.40
N LYS B 264 -12.68 -5.67 -24.36
CA LYS B 264 -11.63 -4.69 -24.58
C LYS B 264 -12.15 -3.26 -24.74
N SER B 265 -13.10 -3.08 -25.65
CA SER B 265 -13.61 -1.74 -26.00
C SER B 265 -14.17 -0.99 -24.80
N GLN B 266 -14.73 -1.72 -23.83
CA GLN B 266 -15.32 -1.10 -22.66
C GLN B 266 -14.25 -0.79 -21.62
N GLN B 267 -13.28 -1.67 -21.50
CA GLN B 267 -12.14 -1.44 -20.62
C GLN B 267 -11.38 -0.19 -21.05
N LEU B 268 -11.38 0.06 -22.36
CA LEU B 268 -10.85 1.31 -22.92
C LEU B 268 -11.58 2.51 -22.33
N ASN B 269 -12.89 2.54 -22.52
CA ASN B 269 -13.71 3.64 -22.02
C ASN B 269 -13.56 3.84 -20.52
N LEU B 270 -13.34 2.75 -19.80
CA LEU B 270 -13.11 2.83 -18.36
C LEU B 270 -11.82 3.59 -18.08
N LEU B 271 -10.74 3.18 -18.73
CA LEU B 271 -9.44 3.83 -18.53
C LEU B 271 -9.46 5.28 -19.02
N ARG B 272 -10.11 5.51 -20.16
CA ARG B 272 -10.34 6.88 -20.63
C ARG B 272 -11.06 7.68 -19.55
N PHE B 273 -12.14 7.11 -19.03
CA PHE B 273 -12.89 7.73 -17.94
C PHE B 273 -12.05 7.83 -16.68
N LEU B 274 -11.28 6.78 -16.39
CA LEU B 274 -10.45 6.75 -15.19
C LEU B 274 -9.35 7.81 -15.25
N GLN B 275 -9.08 8.30 -16.45
CA GLN B 275 -8.05 9.31 -16.66
C GLN B 275 -8.64 10.71 -16.86
N GLU B 276 -9.77 10.79 -17.55
CA GLU B 276 -10.38 12.08 -17.87
C GLU B 276 -11.65 12.37 -17.07
N GLY B 277 -12.29 11.33 -16.57
CA GLY B 277 -13.53 11.49 -15.82
C GLY B 277 -14.69 12.01 -16.61
N THR B 278 -14.81 11.59 -17.87
CA THR B 278 -15.87 12.07 -18.75
C THR B 278 -16.74 10.96 -19.30
N VAL B 279 -18.00 11.28 -19.57
CA VAL B 279 -18.95 10.31 -20.11
C VAL B 279 -19.73 10.97 -21.25
N GLU B 280 -20.41 10.17 -22.07
CA GLU B 280 -21.16 10.71 -23.19
C GLU B 280 -22.67 10.55 -23.05
N THR B 281 -23.39 11.66 -23.26
CA THR B 281 -24.84 11.66 -23.23
C THR B 281 -25.39 12.32 -24.48
N ARG B 282 -26.64 12.03 -24.82
CA ARG B 282 -27.27 12.62 -25.99
C ARG B 282 -27.36 14.15 -25.87
N GLN B 283 -27.64 14.61 -24.65
CA GLN B 283 -27.69 16.05 -24.38
C GLN B 283 -26.29 16.62 -24.14
N GLY B 284 -25.33 16.17 -24.94
CA GLY B 284 -23.96 16.63 -24.83
C GLY B 284 -23.08 15.79 -23.92
N VAL B 285 -21.80 15.75 -24.24
CA VAL B 285 -20.82 14.99 -23.46
C VAL B 285 -20.61 15.68 -22.11
N ARG B 286 -20.53 14.90 -21.03
CA ARG B 286 -20.40 15.49 -19.70
C ARG B 286 -19.42 14.73 -18.81
N ALA B 287 -19.01 15.37 -17.72
CA ALA B 287 -18.08 14.76 -16.77
C ALA B 287 -18.75 14.52 -15.42
N VAL B 288 -18.17 13.63 -14.62
CA VAL B 288 -18.73 13.31 -13.30
C VAL B 288 -17.63 13.10 -12.25
N ASP B 289 -18.05 12.72 -11.05
CA ASP B 289 -17.14 12.43 -9.95
C ASP B 289 -17.55 11.14 -9.22
N VAL B 290 -17.10 10.01 -9.73
CA VAL B 290 -17.49 8.72 -9.16
C VAL B 290 -16.31 7.95 -8.57
N ARG B 291 -16.40 7.60 -7.28
CA ARG B 291 -15.43 6.69 -6.68
C ARG B 291 -15.73 5.27 -7.13
N ILE B 292 -14.71 4.58 -7.62
CA ILE B 292 -14.88 3.27 -8.24
C ILE B 292 -14.33 2.14 -7.39
N LEU B 293 -15.14 1.10 -7.20
CA LEU B 293 -14.71 -0.10 -6.49
C LEU B 293 -14.79 -1.31 -7.42
N ALA B 294 -14.11 -2.38 -7.05
CA ALA B 294 -14.08 -3.59 -7.88
C ALA B 294 -14.05 -4.86 -7.05
N ALA B 295 -14.75 -5.88 -7.51
CA ALA B 295 -14.80 -7.17 -6.83
C ALA B 295 -14.21 -8.28 -7.71
N ASN B 296 -13.64 -9.29 -7.06
CA ASN B 296 -13.02 -10.39 -7.80
C ASN B 296 -13.00 -11.70 -7.01
N SER B 297 -13.17 -12.82 -7.70
CA SER B 297 -13.14 -14.12 -7.05
C SER B 297 -12.32 -15.14 -7.82
N SER B 298 -11.77 -14.72 -8.97
CA SER B 298 -11.03 -15.63 -9.83
C SER B 298 -9.52 -15.45 -9.73
N ASP B 299 -8.78 -16.35 -10.36
CA ASP B 299 -7.34 -16.22 -10.41
C ASP B 299 -6.95 -15.10 -11.36
N ILE B 300 -6.85 -13.89 -10.82
CA ILE B 300 -6.56 -12.69 -11.61
C ILE B 300 -5.25 -12.78 -12.39
N GLU B 301 -4.21 -13.28 -11.74
CA GLU B 301 -2.88 -13.35 -12.35
C GLU B 301 -2.87 -14.22 -13.61
N LYS B 302 -3.67 -15.26 -13.61
CA LYS B 302 -3.71 -16.20 -14.73
C LYS B 302 -4.24 -15.50 -15.98
N ALA B 303 -5.17 -14.57 -15.79
CA ALA B 303 -5.73 -13.78 -16.89
C ALA B 303 -4.68 -12.79 -17.39
N LEU B 304 -3.94 -12.22 -16.45
CA LEU B 304 -2.95 -11.18 -16.73
C LEU B 304 -1.81 -11.66 -17.64
N ILE B 305 -1.25 -12.82 -17.30
CA ILE B 305 -0.06 -13.34 -18.00
C ILE B 305 -0.33 -13.61 -19.48
N ASP B 306 -1.53 -14.08 -19.82
CA ASP B 306 -1.85 -14.42 -21.20
C ASP B 306 -1.92 -13.18 -22.10
N GLY B 307 -2.23 -12.03 -21.51
CA GLY B 307 -2.40 -10.82 -22.29
C GLY B 307 -3.81 -10.29 -22.14
N ASP B 308 -4.66 -11.12 -21.53
CA ASP B 308 -6.10 -10.90 -21.51
C ASP B 308 -6.54 -9.63 -20.79
N PHE B 309 -5.78 -9.21 -19.78
CA PHE B 309 -6.17 -8.04 -19.00
C PHE B 309 -5.11 -6.94 -19.02
N ASN B 310 -5.55 -5.73 -19.39
CA ASN B 310 -4.68 -4.56 -19.42
C ASN B 310 -4.12 -4.22 -18.04
N GLU B 311 -2.81 -4.40 -17.89
CA GLU B 311 -2.14 -4.23 -16.60
C GLU B 311 -2.18 -2.79 -16.07
N GLU B 312 -2.07 -1.83 -16.98
CA GLU B 312 -2.21 -0.42 -16.64
C GLU B 312 -3.46 -0.15 -15.80
N LEU B 313 -4.58 -0.71 -16.25
CA LEU B 313 -5.85 -0.59 -15.54
C LEU B 313 -5.80 -1.23 -14.15
N TYR B 314 -5.06 -2.33 -14.03
CA TYR B 314 -4.93 -3.03 -12.75
C TYR B 314 -4.28 -2.15 -11.69
N HIS B 315 -3.24 -1.40 -12.09
CA HIS B 315 -2.56 -0.50 -11.15
C HIS B 315 -3.46 0.67 -10.78
N TYR B 316 -4.36 1.01 -11.69
CA TYR B 316 -5.36 2.05 -11.44
C TYR B 316 -6.37 1.63 -10.37
N ILE B 317 -6.58 0.32 -10.24
CA ILE B 317 -7.60 -0.21 -9.34
C ILE B 317 -7.00 -0.87 -8.10
N ASN B 318 -5.81 -1.47 -8.25
CA ASN B 318 -5.17 -2.15 -7.13
C ASN B 318 -4.42 -1.18 -6.20
N VAL B 319 -4.91 0.06 -6.12
CA VAL B 319 -4.37 1.04 -5.19
C VAL B 319 -4.45 0.51 -3.76
N LEU B 320 -5.57 -0.14 -3.45
CA LEU B 320 -5.74 -0.80 -2.17
C LEU B 320 -6.45 -2.13 -2.35
N ARG B 321 -6.09 -3.11 -1.52
CA ARG B 321 -6.74 -4.42 -1.58
C ARG B 321 -7.43 -4.74 -0.28
N ILE B 322 -8.58 -5.42 -0.36
CA ILE B 322 -9.26 -5.91 0.82
C ILE B 322 -9.78 -7.32 0.56
N ASN B 323 -9.43 -8.24 1.45
CA ASN B 323 -9.78 -9.65 1.27
C ASN B 323 -10.95 -10.09 2.15
N VAL B 324 -12.07 -10.40 1.51
CA VAL B 324 -13.24 -10.86 2.23
C VAL B 324 -13.14 -12.36 2.48
N PRO B 325 -12.95 -12.74 3.75
CA PRO B 325 -12.73 -14.13 4.13
C PRO B 325 -13.99 -14.98 3.96
N SER B 326 -13.86 -16.12 3.29
CA SER B 326 -14.99 -17.01 3.09
C SER B 326 -15.40 -17.65 4.42
N LEU B 327 -16.56 -18.32 4.41
CA LEU B 327 -17.06 -18.97 5.61
C LEU B 327 -16.11 -20.05 6.10
N LYS B 328 -15.38 -20.65 5.17
CA LYS B 328 -14.35 -21.63 5.48
C LYS B 328 -13.26 -21.10 6.41
N GLU B 329 -12.96 -19.82 6.29
CA GLU B 329 -11.92 -19.18 7.08
C GLU B 329 -12.31 -18.93 8.51
N ARG B 330 -13.51 -18.40 8.67
CA ARG B 330 -14.06 -17.91 9.92
C ARG B 330 -14.62 -19.04 10.79
N ALA B 331 -15.59 -19.81 10.27
CA ALA B 331 -16.17 -21.00 10.94
C ALA B 331 -16.86 -20.74 12.30
N SER B 332 -16.30 -19.84 13.09
CA SER B 332 -16.92 -19.48 14.37
C SER B 332 -18.08 -18.53 14.11
N ASP B 333 -18.16 -18.05 12.86
CA ASP B 333 -19.24 -17.17 12.41
C ASP B 333 -20.48 -17.96 11.97
N ILE B 334 -20.24 -19.17 11.47
CA ILE B 334 -21.28 -20.03 10.90
C ILE B 334 -22.53 -20.13 11.76
N VAL B 335 -22.34 -20.34 13.06
CA VAL B 335 -23.45 -20.45 14.00
C VAL B 335 -24.25 -19.15 14.10
N LEU B 336 -23.57 -18.04 14.31
CA LEU B 336 -24.23 -16.75 14.47
C LEU B 336 -24.95 -16.32 13.20
N LEU B 337 -24.36 -16.63 12.05
CA LEU B 337 -24.96 -16.30 10.76
C LEU B 337 -26.29 -17.03 10.55
N ALA B 338 -26.30 -18.31 10.87
CA ALA B 338 -27.48 -19.14 10.70
C ALA B 338 -28.63 -18.65 11.59
N LYS B 339 -28.28 -18.24 12.80
CA LYS B 339 -29.25 -17.71 13.76
C LYS B 339 -29.96 -16.48 13.19
N HIS B 340 -29.17 -15.52 12.70
CA HIS B 340 -29.73 -14.33 12.07
C HIS B 340 -30.60 -14.68 10.87
N PHE B 341 -30.07 -15.52 9.98
CA PHE B 341 -30.80 -15.95 8.80
C PHE B 341 -32.05 -16.73 9.17
N LEU B 342 -31.99 -17.42 10.31
CA LEU B 342 -33.17 -18.08 10.86
C LEU B 342 -34.18 -17.00 11.24
N GLN B 343 -33.78 -16.17 12.20
CA GLN B 343 -34.61 -15.08 12.71
C GLN B 343 -35.21 -14.23 11.60
N GLU B 344 -34.36 -13.86 10.63
CA GLU B 344 -34.77 -12.96 9.57
C GLU B 344 -35.87 -13.57 8.70
N TYR B 345 -35.63 -14.78 8.21
CA TYR B 345 -36.57 -15.43 7.30
C TYR B 345 -37.80 -15.96 8.03
N SER B 346 -37.62 -16.42 9.26
CA SER B 346 -38.75 -16.88 10.06
C SER B 346 -39.72 -15.74 10.35
N LYS B 347 -39.17 -14.61 10.78
CA LYS B 347 -39.97 -13.41 11.05
C LYS B 347 -40.57 -12.84 9.77
N GLU B 348 -39.80 -12.86 8.68
CA GLU B 348 -40.24 -12.31 7.40
C GLU B 348 -41.44 -13.07 6.87
N TYR B 349 -41.51 -14.37 7.18
CA TYR B 349 -42.58 -15.21 6.67
C TYR B 349 -43.38 -15.84 7.80
N ASN B 350 -43.32 -15.22 8.97
CA ASN B 350 -44.15 -15.56 10.12
C ASN B 350 -43.90 -16.99 10.64
N ALA B 351 -42.90 -17.65 10.06
CA ALA B 351 -42.61 -19.06 10.34
C ALA B 351 -42.47 -19.35 11.83
N GLN B 352 -42.98 -20.52 12.24
CA GLN B 352 -42.98 -20.93 13.64
C GLN B 352 -41.59 -21.32 14.12
N ALA B 353 -40.72 -21.71 13.18
CA ALA B 353 -39.34 -22.03 13.49
C ALA B 353 -38.64 -20.88 14.20
N ARG B 354 -38.10 -21.14 15.39
CA ARG B 354 -37.46 -20.09 16.17
C ARG B 354 -36.08 -20.47 16.72
N SER B 355 -35.73 -21.75 16.63
CA SER B 355 -34.48 -22.20 17.22
C SER B 355 -33.93 -23.51 16.64
N PHE B 356 -32.62 -23.70 16.78
CA PHE B 356 -31.97 -24.94 16.39
C PHE B 356 -31.72 -25.84 17.58
N SER B 357 -31.83 -27.15 17.37
CA SER B 357 -31.44 -28.13 18.37
C SER B 357 -29.91 -28.10 18.51
N ASP B 358 -29.40 -28.50 19.68
CA ASP B 358 -27.96 -28.63 19.87
C ASP B 358 -27.38 -29.64 18.87
N ASP B 359 -28.21 -30.60 18.48
CA ASP B 359 -27.85 -31.55 17.43
C ASP B 359 -27.58 -30.86 16.09
N ALA B 360 -28.56 -30.07 15.63
CA ALA B 360 -28.46 -29.36 14.36
C ALA B 360 -27.30 -28.36 14.30
N VAL B 361 -27.13 -27.60 15.38
CA VAL B 361 -26.05 -26.63 15.50
C VAL B 361 -24.69 -27.26 15.25
N ARG B 362 -24.48 -28.39 15.92
CA ARG B 362 -23.22 -29.12 15.90
C ARG B 362 -23.02 -29.95 14.62
N GLY B 363 -23.62 -29.48 13.51
CA GLY B 363 -23.48 -30.17 12.23
C GLY B 363 -23.29 -29.28 11.02
N LEU B 364 -23.98 -28.14 11.01
CA LEU B 364 -23.96 -27.21 9.88
C LEU B 364 -22.59 -26.62 9.58
N THR B 365 -21.80 -26.39 10.62
CA THR B 365 -20.46 -25.82 10.47
C THR B 365 -19.55 -26.79 9.70
N ARG B 366 -19.78 -28.09 9.89
CA ARG B 366 -18.97 -29.13 9.26
C ARG B 366 -19.08 -29.09 7.73
N TYR B 367 -20.19 -28.55 7.24
CA TYR B 367 -20.42 -28.38 5.81
C TYR B 367 -19.36 -27.43 5.25
N HIS B 368 -19.05 -27.56 3.97
CA HIS B 368 -17.98 -26.77 3.35
C HIS B 368 -18.43 -25.38 2.92
N TRP B 369 -19.64 -25.30 2.39
CA TRP B 369 -20.22 -24.03 1.91
C TRP B 369 -19.33 -23.36 0.86
N PRO B 370 -19.31 -23.90 -0.37
CA PRO B 370 -18.55 -23.29 -1.47
C PRO B 370 -19.07 -21.90 -1.82
N GLY B 371 -20.39 -21.73 -1.75
CA GLY B 371 -21.00 -20.46 -2.10
C GLY B 371 -21.03 -19.49 -0.93
N ASN B 372 -20.52 -19.96 0.22
CA ASN B 372 -20.38 -19.14 1.43
C ASN B 372 -21.70 -18.47 1.87
N VAL B 373 -21.63 -17.17 2.13
CA VAL B 373 -22.75 -16.41 2.68
C VAL B 373 -24.01 -16.52 1.84
N ARG B 374 -23.86 -16.36 0.51
CA ARG B 374 -24.98 -16.51 -0.42
C ARG B 374 -25.69 -17.85 -0.26
N GLU B 375 -24.95 -18.94 -0.45
CA GLU B 375 -25.50 -20.29 -0.34
C GLU B 375 -26.17 -20.54 1.01
N LEU B 376 -25.57 -20.03 2.08
CA LEU B 376 -26.10 -20.22 3.43
C LEU B 376 -27.51 -19.65 3.59
N MET B 377 -27.70 -18.38 3.24
CA MET B 377 -29.04 -17.77 3.29
C MET B 377 -30.01 -18.53 2.39
N ASN B 378 -29.56 -18.91 1.19
CA ASN B 378 -30.37 -19.62 0.23
C ASN B 378 -30.86 -20.95 0.78
N GLN B 379 -29.93 -21.73 1.32
CA GLN B 379 -30.23 -23.03 1.90
C GLN B 379 -31.25 -22.89 3.04
N ILE B 380 -30.89 -22.06 4.02
CA ILE B 380 -31.79 -21.75 5.13
C ILE B 380 -33.16 -21.24 4.68
N LYS B 381 -33.16 -20.33 3.70
CA LYS B 381 -34.39 -19.81 3.11
C LYS B 381 -35.35 -20.94 2.72
N ARG B 382 -34.82 -21.98 2.07
CA ARG B 382 -35.62 -23.14 1.71
C ARG B 382 -36.12 -23.88 2.94
N VAL B 383 -35.19 -24.30 3.80
CA VAL B 383 -35.53 -25.07 5.00
C VAL B 383 -36.61 -24.37 5.84
N VAL B 384 -36.44 -23.07 6.07
CA VAL B 384 -37.41 -22.28 6.82
C VAL B 384 -38.81 -22.36 6.22
N LEU B 385 -38.90 -22.21 4.90
CA LEU B 385 -40.17 -22.26 4.21
C LEU B 385 -40.70 -23.69 4.08
N MET B 386 -39.90 -24.66 4.51
CA MET B 386 -40.29 -26.05 4.50
C MET B 386 -40.49 -26.55 5.93
N SER B 387 -39.85 -25.84 6.86
CA SER B 387 -39.89 -26.19 8.28
C SER B 387 -41.31 -26.20 8.85
N ASP B 388 -41.78 -27.39 9.22
CA ASP B 388 -43.11 -27.52 9.80
C ASP B 388 -43.04 -27.46 11.32
N THR B 389 -41.85 -27.68 11.87
CA THR B 389 -41.65 -27.65 13.31
C THR B 389 -41.18 -26.27 13.78
N VAL B 390 -41.06 -26.12 15.10
CA VAL B 390 -40.54 -24.89 15.69
C VAL B 390 -39.03 -25.02 15.90
N VAL B 391 -38.60 -26.23 16.25
CA VAL B 391 -37.19 -26.54 16.39
C VAL B 391 -36.72 -27.24 15.11
N LEU B 392 -35.60 -26.81 14.56
CA LEU B 392 -35.17 -27.34 13.28
C LEU B 392 -34.10 -28.42 13.42
N ASP B 393 -34.46 -29.64 13.06
CA ASP B 393 -33.56 -30.78 13.17
C ASP B 393 -32.79 -31.01 11.87
N GLU B 394 -31.78 -31.86 11.94
CA GLU B 394 -30.92 -32.17 10.80
C GLU B 394 -31.67 -32.85 9.67
N SER B 395 -32.83 -33.43 9.97
CA SER B 395 -33.60 -34.17 8.99
C SER B 395 -34.20 -33.24 7.93
N GLN B 396 -34.48 -32.00 8.31
CA GLN B 396 -35.12 -31.08 7.38
C GLN B 396 -34.10 -30.26 6.60
N LEU B 397 -32.82 -30.45 6.92
CA LEU B 397 -31.76 -29.57 6.41
C LEU B 397 -31.13 -30.06 5.11
N ASP B 398 -29.93 -30.60 5.24
CA ASP B 398 -29.08 -30.98 4.11
C ASP B 398 -29.65 -32.07 3.20
N LEU B 399 -30.83 -32.58 3.54
CA LEU B 399 -31.47 -33.62 2.75
C LEU B 399 -31.74 -33.16 1.32
#